data_9KXT
#
_entry.id   9KXT
#
_cell.length_a   1.00
_cell.length_b   1.00
_cell.length_c   1.00
_cell.angle_alpha   90.00
_cell.angle_beta   90.00
_cell.angle_gamma   90.00
#
_symmetry.space_group_name_H-M   'P 1'
#
loop_
_entity.id
_entity.type
_entity.pdbx_description
1 polymer 'Sodium-dependent neutral amino acid transporter B(0)AT1'
2 polymer 'Angiotensin-converting enzyme 2'
3 branched 2-acetamido-2-deoxy-beta-D-glucopyranose-(1-4)-2-acetamido-2-deoxy-beta-D-glucopyranose
4 non-polymer 3-(3-bromophenyl)-~{N}-ethyl-propanamide
5 non-polymer 2-acetamido-2-deoxy-beta-D-glucopyranose
6 water water
#
loop_
_entity_poly.entity_id
_entity_poly.type
_entity_poly.pdbx_seq_one_letter_code
_entity_poly.pdbx_strand_id
1 'polypeptide(L)'
;MADYKDDDDKSGPDEVDASGRVRLVLPNPGLDARIPSLAELETIEQEEASSRPKWDNKAQYMLTCLGFCVGLGNVWRFPY
LCQSHGGGAFMIPFLILLVLEGIPLLYLEFAIGQRLRRGSLGVWSSIHPALKGLGLASMLTSFMVGLYYNTIISWIMWYL
FNSFQEPLPWSDCPLNENQTGYVDECARSSPVDYFWYRETLNISTSISDSGSIQWWMLLCLACAWSVLYMCTIRGIETTG
KAVYITSTLPYVVLTIFLIRGLTLKGATNGIVFLFTPNVTELAQPDTWLDAGAQVFFSFSLAFGGLISFSSYNSVHNNCE
KDSVIVSIINGFTSVYVAIVVYSVIGFRATQRYDDCFSTNILTLINGFDLPEGNVTQENFVDMQQRCNASDPAAYAQLVF
QTCDINAFLSEAVEGTGLAFIVFTEAITKMPLSPLWSVLFFIMLFCLGLSSMFGNMEGVVVPLQDLRVIPPKWPKEVLTG
LICLGTFLIGFIFTLNSGQYWLSLLDSYAGSIPLLIIAFCEMFSVVYVYGVDRFNKDIEFMIGHKPNIFWQVTWRVVSPL
LMLIIFLFFFVVEVSQELTYSIWDPGYEEFPKSQKISYPNWVYVVVVIVAGVPSLTIPGYAIYKLIRNHCQKPGDHQGLV
STLSTASMNGDLKY
;
A
2 'polypeptide(L)'
;MRSSSSWLLLSLVAVTAAQSTIEEQAKTFLDKFNHEAEDLFYQSSLASWNYNTNITEENVQNMNNAGDKWSAFLKEQSTL
AQMYPLQEIQNLTVKLQLQALQQNGSSVLSEDKSKRLNTILNTMSTIYSTGKVCNPDNPQECLLLEPGLNEIMANSLDYN
ERLWAWESWRSEVGKQLRPLYEEYVVLKNEMARANHYEDYGDYWRGDYEVNGVDGYDYSRGQLIEDVEHTFEEIKPLYEH
LHAYVRAKLMNAYPSYISPIGCLPAHLLGDMWGRFWTNLYSLTVPFGQKPNIDVTDAMVDQAWDAQRIFKEAEKFFVSVG
LPNMTQGFWENSMLTDPGNVQKAVCHPTAWDLGKGDFRILMCTKVTMDDFLTAHHEMGHIQYDMAYAAQPFLLRNGANEG
FHEAVGEIMSLSAATPKHLKSIGLLSPDFQEDNETEINFLLKQALTIVGTLPFTYMLEKWRWMVFKGEIPKDQWMKKWWE
MKREIVGVVEPVPHDETYCDPASLFHVSNDYSFIRYYTRTLYQFQFQEALCQAAKHEGPLHKCDISNSTEAGQKLFNMLR
LGKSEPWTLALENVVGAKNMNVRPLLNYFEPLFTWLKDQNKNSFVGWSTDWSPYADQSIKVRISLKSALGDKAYEWNDNE
MYLFRSSVAYAMRQYFLKVKNQMILFGEEDVRVANLKPRISFNFFVTAPKNVSDIIPRTEVEKAIRMSRSRINDAFRLND
NSLEFLGIQPTLGPPNQPPVSIWLIVFGVVMGVIVVGIVILIFTGIRDRKKKNKARSGENPYASIDISKGENNPGFQNTD
DVQTSF
;
B
#
# COMPACT_ATOMS: atom_id res chain seq x y z
N VAL A 25 26.92 14.00 -18.43
CA VAL A 25 26.78 14.33 -19.90
C VAL A 25 26.49 15.84 -20.07
N LEU A 26 25.57 16.38 -19.27
CA LEU A 26 25.35 17.85 -19.11
C LEU A 26 26.44 18.46 -18.21
N PRO A 27 26.69 19.80 -18.22
CA PRO A 27 27.67 20.43 -17.31
C PRO A 27 27.46 20.11 -15.81
N ASN A 28 28.45 19.43 -15.22
CA ASN A 28 28.54 19.07 -13.77
C ASN A 28 29.98 19.37 -13.30
N PRO A 29 30.38 20.66 -13.17
CA PRO A 29 31.75 21.04 -12.81
C PRO A 29 31.99 20.92 -11.29
N GLY A 30 32.96 20.09 -10.90
CA GLY A 30 33.39 19.87 -9.51
C GLY A 30 32.67 18.71 -8.86
N LEU A 31 32.47 17.60 -9.58
CA LEU A 31 31.74 16.40 -9.09
C LEU A 31 32.59 15.64 -8.08
N ASP A 32 33.90 15.52 -8.35
CA ASP A 32 34.89 15.09 -7.32
C ASP A 32 35.07 16.26 -6.37
N ALA A 33 35.42 15.88 -5.16
CA ALA A 33 35.41 16.70 -3.93
C ALA A 33 33.97 17.14 -3.58
N ARG A 34 32.98 16.38 -3.99
CA ARG A 34 31.61 16.35 -3.49
C ARG A 34 31.14 14.91 -3.34
N ILE A 35 31.90 13.96 -3.90
CA ILE A 35 31.55 12.52 -3.89
C ILE A 35 32.79 11.75 -3.44
N PRO A 36 32.68 10.70 -2.59
CA PRO A 36 33.82 9.83 -2.26
C PRO A 36 34.52 9.34 -3.54
N SER A 37 35.84 9.41 -3.60
CA SER A 37 36.68 8.84 -4.69
C SER A 37 36.68 7.31 -4.57
N LEU A 38 36.73 6.59 -5.70
CA LEU A 38 36.78 5.09 -5.74
C LEU A 38 38.04 4.58 -5.02
N ALA A 39 39.19 5.26 -5.16
CA ALA A 39 40.44 5.02 -4.39
C ALA A 39 40.23 5.10 -2.87
N GLU A 40 39.45 6.07 -2.38
CA GLU A 40 39.12 6.25 -0.95
C GLU A 40 38.08 5.23 -0.45
N LEU A 41 37.18 4.70 -1.31
CA LEU A 41 36.04 3.81 -0.92
C LEU A 41 36.50 2.54 -0.20
N GLU A 42 37.66 1.98 -0.56
CA GLU A 42 38.26 0.84 0.18
C GLU A 42 38.64 1.31 1.59
N THR A 43 39.25 2.50 1.69
CA THR A 43 39.74 3.10 2.96
C THR A 43 38.60 3.76 3.77
N ILE A 44 37.33 3.81 3.31
CA ILE A 44 36.17 4.46 4.02
C ILE A 44 35.28 3.41 4.73
N GLU A 45 35.64 2.11 4.73
CA GLU A 45 34.79 0.98 5.20
C GLU A 45 35.21 0.57 6.62
N GLN A 46 36.50 0.21 6.81
CA GLN A 46 37.07 -0.25 8.10
C GLN A 46 37.10 0.89 9.14
N GLU A 47 37.32 2.14 8.71
CA GLU A 47 37.34 3.34 9.59
C GLU A 47 35.92 3.75 10.02
N GLU A 48 34.92 3.62 9.14
CA GLU A 48 33.50 4.06 9.38
C GLU A 48 32.68 2.91 10.03
N ALA A 49 33.25 2.17 10.99
CA ALA A 49 32.55 1.19 11.85
C ALA A 49 31.65 1.94 12.86
N SER A 50 32.18 3.00 13.46
CA SER A 50 31.44 4.00 14.30
C SER A 50 30.88 5.12 13.42
N SER A 51 29.82 5.78 13.89
CA SER A 51 29.18 7.01 13.36
C SER A 51 28.21 6.75 12.18
N ARG A 52 28.21 5.52 11.64
CA ARG A 52 27.25 5.10 10.58
C ARG A 52 26.79 3.68 10.94
N PRO A 53 25.50 3.29 10.81
CA PRO A 53 25.05 1.98 11.28
C PRO A 53 25.35 0.90 10.24
N LYS A 54 25.20 -0.36 10.65
CA LYS A 54 25.68 -1.54 9.90
C LYS A 54 24.65 -2.67 10.01
N TRP A 55 24.41 -3.36 8.88
CA TRP A 55 23.51 -4.55 8.87
C TRP A 55 24.23 -5.68 9.61
N ASP A 56 23.55 -6.30 10.57
CA ASP A 56 24.08 -7.46 11.36
C ASP A 56 24.37 -8.63 10.42
N ASN A 57 23.45 -8.92 9.49
CA ASN A 57 23.54 -9.98 8.46
C ASN A 57 23.33 -9.38 7.07
N LYS A 58 23.55 -10.21 6.05
CA LYS A 58 23.09 -9.92 4.66
C LYS A 58 21.58 -10.11 4.59
N ALA A 59 21.07 -11.20 5.19
CA ALA A 59 19.63 -11.59 5.28
C ALA A 59 18.78 -10.48 5.91
N GLN A 60 19.27 -9.86 6.99
CA GLN A 60 18.62 -8.77 7.77
C GLN A 60 18.45 -7.52 6.90
N TYR A 61 19.22 -7.34 5.82
CA TYR A 61 19.09 -6.26 4.81
C TYR A 61 18.08 -6.68 3.73
N MET A 62 18.18 -7.92 3.24
CA MET A 62 17.29 -8.44 2.16
C MET A 62 15.85 -8.52 2.66
N LEU A 63 15.63 -8.98 3.89
CA LEU A 63 14.31 -8.94 4.58
C LEU A 63 13.76 -7.53 4.67
N THR A 64 14.57 -6.57 5.10
CA THR A 64 14.15 -5.15 5.26
C THR A 64 13.80 -4.52 3.91
N CYS A 65 14.39 -4.96 2.80
CA CYS A 65 14.03 -4.48 1.45
C CYS A 65 12.75 -5.13 0.96
N LEU A 66 12.63 -6.45 1.19
CA LEU A 66 11.47 -7.25 0.75
C LEU A 66 10.21 -6.77 1.50
N GLY A 67 10.29 -6.71 2.83
CA GLY A 67 9.30 -6.11 3.77
C GLY A 67 8.78 -4.77 3.31
N PHE A 68 9.68 -3.90 2.89
CA PHE A 68 9.32 -2.54 2.46
C PHE A 68 8.73 -2.59 1.04
N CYS A 69 9.03 -3.63 0.26
CA CYS A 69 8.53 -3.81 -1.13
C CYS A 69 7.22 -4.61 -1.16
N VAL A 70 7.10 -5.67 -0.34
CA VAL A 70 5.92 -6.58 -0.32
C VAL A 70 4.83 -5.95 0.56
N GLY A 71 5.19 -5.17 1.57
CA GLY A 71 4.27 -4.50 2.49
C GLY A 71 3.70 -3.19 2.01
N LEU A 72 4.35 -2.49 1.10
CA LEU A 72 3.91 -1.16 0.59
C LEU A 72 3.08 -1.34 -0.68
N GLY A 73 3.18 -2.48 -1.36
CA GLY A 73 2.41 -2.87 -2.55
C GLY A 73 1.17 -3.69 -2.23
N ASN A 74 1.32 -4.70 -1.37
CA ASN A 74 0.29 -5.74 -1.18
C ASN A 74 -0.56 -5.48 0.06
N VAL A 75 -0.12 -4.68 1.03
CA VAL A 75 -0.96 -4.28 2.21
C VAL A 75 -2.33 -3.75 1.74
N TRP A 76 -2.42 -3.17 0.54
CA TRP A 76 -3.69 -2.59 0.05
C TRP A 76 -3.71 -2.35 -1.47
N ARG A 77 -2.90 -1.43 -1.97
CA ARG A 77 -2.97 -0.92 -3.37
C ARG A 77 -3.05 -2.06 -4.40
N PHE A 78 -2.09 -2.98 -4.41
CA PHE A 78 -2.01 -4.07 -5.42
C PHE A 78 -3.31 -4.87 -5.41
N PRO A 79 -3.68 -5.60 -4.31
CA PRO A 79 -4.90 -6.40 -4.30
C PRO A 79 -6.15 -5.61 -4.75
N TYR A 80 -6.20 -4.29 -4.52
CA TYR A 80 -7.32 -3.41 -4.92
C TYR A 80 -7.39 -3.27 -6.43
N LEU A 81 -6.30 -2.84 -7.09
CA LEU A 81 -6.32 -2.50 -8.53
C LEU A 81 -6.50 -3.77 -9.36
N CYS A 82 -5.93 -4.88 -8.90
CA CYS A 82 -6.13 -6.21 -9.53
C CYS A 82 -7.64 -6.48 -9.65
N GLN A 83 -8.35 -6.39 -8.51
CA GLN A 83 -9.83 -6.60 -8.46
C GLN A 83 -10.56 -5.40 -9.07
N SER A 84 -9.98 -4.21 -9.09
CA SER A 84 -10.62 -2.98 -9.63
C SER A 84 -10.50 -2.89 -11.14
N HIS A 85 -9.60 -3.67 -11.77
CA HIS A 85 -9.41 -3.69 -13.25
C HIS A 85 -9.79 -5.06 -13.82
N GLY A 86 -10.21 -6.03 -13.00
CA GLY A 86 -10.64 -7.36 -13.45
C GLY A 86 -9.59 -8.45 -13.28
N GLY A 87 -8.32 -8.11 -13.02
CA GLY A 87 -7.26 -9.10 -12.74
C GLY A 87 -6.21 -9.10 -13.82
N GLY A 88 -6.29 -10.04 -14.79
CA GLY A 88 -5.29 -10.18 -15.87
C GLY A 88 -5.09 -8.90 -16.65
N ALA A 89 -6.17 -8.17 -16.89
CA ALA A 89 -6.15 -6.84 -17.53
C ALA A 89 -5.23 -5.86 -16.78
N PHE A 90 -5.03 -6.02 -15.47
CA PHE A 90 -4.10 -5.20 -14.67
C PHE A 90 -2.74 -5.91 -14.51
N MET A 91 -2.76 -7.22 -14.24
CA MET A 91 -1.52 -8.01 -14.02
C MET A 91 -0.61 -7.95 -15.24
N ILE A 92 -1.17 -8.13 -16.45
CA ILE A 92 -0.39 -8.08 -17.73
C ILE A 92 0.37 -6.75 -17.77
N PRO A 93 -0.27 -5.56 -17.89
CA PRO A 93 0.46 -4.29 -17.92
C PRO A 93 1.45 -4.13 -16.76
N PHE A 94 1.09 -4.66 -15.59
CA PHE A 94 1.93 -4.64 -14.36
C PHE A 94 3.25 -5.38 -14.63
N LEU A 95 3.20 -6.68 -14.91
CA LEU A 95 4.42 -7.52 -15.10
C LEU A 95 5.25 -7.02 -16.29
N ILE A 96 4.65 -6.40 -17.31
CA ILE A 96 5.39 -5.73 -18.41
C ILE A 96 6.20 -4.55 -17.81
N LEU A 97 5.54 -3.69 -17.05
CA LEU A 97 6.20 -2.48 -16.47
C LEU A 97 7.08 -2.85 -15.26
N LEU A 98 6.89 -4.00 -14.65
CA LEU A 98 7.72 -4.47 -13.50
C LEU A 98 9.14 -4.78 -13.99
N VAL A 99 9.27 -5.27 -15.21
CA VAL A 99 10.53 -5.74 -15.85
C VAL A 99 11.19 -4.58 -16.61
N LEU A 100 10.43 -3.65 -17.20
CA LEU A 100 10.97 -2.62 -18.11
C LEU A 100 11.30 -1.35 -17.34
N GLU A 101 10.44 -0.89 -16.42
CA GLU A 101 10.67 0.33 -15.59
C GLU A 101 10.99 0.00 -14.11
N GLY A 102 10.68 -1.19 -13.60
CA GLY A 102 10.87 -1.58 -12.18
C GLY A 102 12.29 -2.03 -11.92
N ILE A 103 12.66 -3.22 -12.44
CA ILE A 103 13.99 -3.88 -12.30
C ILE A 103 15.09 -2.82 -12.52
N PRO A 104 15.15 -2.06 -13.65
CA PRO A 104 16.19 -1.03 -13.87
C PRO A 104 16.29 -0.11 -12.64
N LEU A 105 15.20 0.57 -12.27
CA LEU A 105 15.27 1.62 -11.23
C LEU A 105 15.55 0.99 -9.86
N LEU A 106 15.23 -0.30 -9.63
CA LEU A 106 15.58 -0.95 -8.36
C LEU A 106 17.07 -1.23 -8.31
N TYR A 107 17.68 -1.57 -9.45
CA TYR A 107 19.14 -1.80 -9.56
C TYR A 107 19.85 -0.44 -9.37
N LEU A 108 19.45 0.55 -10.14
CA LEU A 108 20.01 1.92 -10.08
C LEU A 108 20.07 2.43 -8.62
N GLU A 109 18.98 2.34 -7.87
CA GLU A 109 18.85 2.86 -6.47
C GLU A 109 19.80 2.10 -5.53
N PHE A 110 19.84 0.77 -5.58
CA PHE A 110 20.74 -0.05 -4.71
C PHE A 110 22.21 0.29 -4.98
N ALA A 111 22.57 0.38 -6.25
CA ALA A 111 23.92 0.75 -6.74
C ALA A 111 24.31 2.15 -6.27
N ILE A 112 23.47 3.16 -6.49
CA ILE A 112 23.85 4.59 -6.24
C ILE A 112 23.93 4.86 -4.73
N GLY A 113 23.21 4.10 -3.90
CA GLY A 113 23.25 4.21 -2.43
C GLY A 113 24.52 3.60 -1.86
N GLN A 114 24.94 2.48 -2.41
CA GLN A 114 26.15 1.73 -1.96
C GLN A 114 27.42 2.46 -2.38
N ARG A 115 27.38 3.22 -3.47
CA ARG A 115 28.54 3.96 -4.04
C ARG A 115 28.73 5.29 -3.29
N LEU A 116 27.65 6.07 -3.11
CA LEU A 116 27.72 7.44 -2.53
C LEU A 116 27.62 7.37 -1.00
N ARG A 117 27.40 6.19 -0.41
CA ARG A 117 27.41 6.03 1.07
C ARG A 117 26.64 7.17 1.75
N ARG A 118 25.51 7.58 1.18
CA ARG A 118 24.64 8.64 1.74
C ARG A 118 23.21 8.11 1.55
N GLY A 119 22.28 8.58 2.38
CA GLY A 119 20.84 8.40 2.13
C GLY A 119 20.35 9.20 0.94
N SER A 120 19.06 9.08 0.62
CA SER A 120 18.44 9.67 -0.59
C SER A 120 18.80 11.17 -0.72
N LEU A 121 18.72 11.96 0.35
CA LEU A 121 18.98 13.43 0.31
C LEU A 121 20.47 13.72 0.02
N GLY A 122 21.40 12.98 0.64
CA GLY A 122 22.84 13.10 0.37
C GLY A 122 23.22 12.74 -1.06
N VAL A 123 22.64 11.65 -1.60
CA VAL A 123 22.95 11.10 -2.96
C VAL A 123 22.67 12.16 -4.04
N TRP A 124 21.52 12.84 -3.99
CA TRP A 124 21.13 13.84 -5.02
C TRP A 124 21.82 15.17 -4.73
N SER A 125 22.26 15.46 -3.50
CA SER A 125 23.12 16.64 -3.18
C SER A 125 24.54 16.45 -3.73
N SER A 126 25.16 15.29 -3.47
CA SER A 126 26.54 14.91 -3.93
C SER A 126 26.58 14.89 -5.47
N ILE A 127 25.70 14.12 -6.13
CA ILE A 127 25.56 14.03 -7.62
C ILE A 127 25.57 15.45 -8.21
N HIS A 128 24.73 16.35 -7.72
CA HIS A 128 24.63 17.77 -8.19
C HIS A 128 24.10 18.68 -7.08
N PRO A 129 24.69 19.87 -6.78
CA PRO A 129 24.24 20.66 -5.63
C PRO A 129 22.77 21.16 -5.73
N ALA A 130 22.37 21.70 -6.89
CA ALA A 130 20.98 22.15 -7.17
C ALA A 130 19.97 20.99 -7.28
N LEU A 131 20.40 19.74 -7.38
CA LEU A 131 19.51 18.54 -7.36
C LEU A 131 19.13 18.17 -5.90
N LYS A 132 18.64 19.11 -5.07
CA LYS A 132 18.26 18.90 -3.64
C LYS A 132 16.76 18.55 -3.57
N GLY A 133 15.89 19.22 -4.37
CA GLY A 133 14.47 18.96 -4.54
C GLY A 133 14.14 17.49 -4.62
N LEU A 134 14.94 16.71 -5.36
CA LEU A 134 14.76 15.23 -5.52
C LEU A 134 14.69 14.58 -4.12
N GLY A 135 15.75 14.69 -3.33
CA GLY A 135 15.84 14.20 -1.94
C GLY A 135 14.78 14.77 -1.03
N LEU A 136 14.45 16.04 -1.16
CA LEU A 136 13.41 16.75 -0.37
C LEU A 136 12.04 16.17 -0.74
N ALA A 137 11.66 16.18 -2.02
CA ALA A 137 10.40 15.60 -2.55
C ALA A 137 10.25 14.15 -2.08
N SER A 138 11.31 13.35 -2.18
CA SER A 138 11.35 11.96 -1.68
C SER A 138 10.99 11.89 -0.19
N MET A 139 11.47 12.85 0.62
CA MET A 139 11.17 12.94 2.06
C MET A 139 9.70 13.35 2.25
N LEU A 140 9.18 14.31 1.46
CA LEU A 140 7.77 14.79 1.55
C LEU A 140 6.83 13.65 1.19
N THR A 141 7.04 13.02 0.04
CA THR A 141 6.23 11.88 -0.43
C THR A 141 6.26 10.76 0.61
N SER A 142 7.43 10.48 1.18
CA SER A 142 7.59 9.38 2.16
C SER A 142 6.80 9.71 3.42
N PHE A 143 6.87 10.96 3.89
CA PHE A 143 6.08 11.50 5.02
C PHE A 143 4.57 11.34 4.76
N MET A 144 4.11 11.85 3.61
CA MET A 144 2.69 11.94 3.18
C MET A 144 2.08 10.53 3.08
N VAL A 145 2.76 9.62 2.40
CA VAL A 145 2.22 8.24 2.18
C VAL A 145 2.22 7.53 3.52
N GLY A 146 3.25 7.71 4.36
CA GLY A 146 3.31 7.07 5.69
C GLY A 146 2.26 7.64 6.65
N LEU A 147 1.81 8.88 6.45
CA LEU A 147 0.80 9.54 7.31
C LEU A 147 -0.52 8.77 7.20
N TYR A 148 -1.06 8.62 5.99
CA TYR A 148 -2.34 7.93 5.79
C TYR A 148 -2.16 6.41 5.74
N TYR A 149 -0.96 5.84 5.59
CA TYR A 149 -0.78 4.36 5.62
C TYR A 149 -0.80 3.85 7.06
N ASN A 150 -0.54 4.70 8.05
CA ASN A 150 -0.59 4.25 9.46
C ASN A 150 -2.05 4.32 9.96
N THR A 151 -2.90 5.15 9.35
CA THR A 151 -4.38 5.13 9.56
C THR A 151 -4.95 3.80 9.08
N ILE A 152 -4.55 3.32 7.90
CA ILE A 152 -4.94 2.00 7.36
C ILE A 152 -4.45 0.91 8.32
N ILE A 153 -3.28 1.06 8.91
CA ILE A 153 -2.80 0.12 9.96
C ILE A 153 -3.72 0.21 11.19
N SER A 154 -4.16 1.40 11.56
CA SER A 154 -5.10 1.60 12.69
C SER A 154 -6.41 0.86 12.37
N TRP A 155 -6.99 1.11 11.21
CA TRP A 155 -8.19 0.39 10.71
C TRP A 155 -7.99 -1.14 10.74
N ILE A 156 -6.87 -1.61 10.20
CA ILE A 156 -6.49 -3.05 10.23
C ILE A 156 -6.50 -3.54 11.68
N MET A 157 -5.96 -2.78 12.62
CA MET A 157 -5.82 -3.32 14.01
C MET A 157 -7.17 -3.19 14.71
N TRP A 158 -7.99 -2.18 14.40
CA TRP A 158 -9.40 -2.15 14.88
C TRP A 158 -10.07 -3.52 14.59
N TYR A 159 -10.10 -3.93 13.34
CA TYR A 159 -10.66 -5.24 12.92
C TYR A 159 -9.98 -6.41 13.66
N LEU A 160 -8.65 -6.37 13.74
CA LEU A 160 -7.85 -7.38 14.49
C LEU A 160 -8.41 -7.50 15.90
N PHE A 161 -8.54 -6.38 16.60
CA PHE A 161 -9.07 -6.34 17.97
C PHE A 161 -10.49 -6.90 18.01
N ASN A 162 -11.32 -6.54 17.04
CA ASN A 162 -12.74 -6.99 16.97
C ASN A 162 -12.80 -8.44 16.41
N SER A 163 -11.67 -9.12 16.13
CA SER A 163 -11.59 -10.48 15.53
C SER A 163 -11.41 -11.57 16.61
N PHE A 164 -11.93 -11.45 17.83
CA PHE A 164 -11.80 -12.47 18.91
C PHE A 164 -13.19 -12.78 19.51
N GLN A 165 -14.12 -13.24 18.68
CA GLN A 165 -15.53 -13.52 19.03
C GLN A 165 -16.10 -14.59 18.10
N GLU A 166 -16.73 -15.65 18.62
CA GLU A 166 -17.33 -16.76 17.82
C GLU A 166 -18.28 -16.17 16.77
N PRO A 167 -19.21 -15.23 17.12
CA PRO A 167 -19.93 -14.43 16.11
C PRO A 167 -19.11 -13.16 15.85
N LEU A 168 -18.39 -13.12 14.73
CA LEU A 168 -17.64 -11.92 14.31
C LEU A 168 -18.60 -10.72 14.34
N PRO A 169 -18.23 -9.58 14.96
CA PRO A 169 -19.14 -8.43 15.09
C PRO A 169 -19.79 -7.88 13.81
N TRP A 170 -19.26 -8.22 12.64
CA TRP A 170 -19.77 -7.86 11.30
C TRP A 170 -20.56 -9.01 10.68
N SER A 171 -20.83 -10.10 11.40
CA SER A 171 -21.54 -11.30 10.87
C SER A 171 -23.06 -11.11 10.86
N ASP A 172 -23.60 -10.29 11.75
CA ASP A 172 -25.07 -10.10 11.94
C ASP A 172 -25.37 -8.61 12.05
N CYS A 173 -26.64 -8.26 11.91
CA CYS A 173 -27.13 -6.85 11.96
C CYS A 173 -27.55 -6.49 13.39
N PRO A 174 -27.44 -5.21 13.81
CA PRO A 174 -27.99 -4.80 15.12
C PRO A 174 -29.51 -4.68 15.06
N LEU A 175 -30.19 -4.71 16.21
CA LEU A 175 -31.68 -4.63 16.26
C LEU A 175 -32.14 -3.22 16.60
N ASN A 176 -33.43 -2.94 16.40
CA ASN A 176 -34.02 -1.60 16.68
C ASN A 176 -34.14 -1.42 18.20
N GLU A 177 -34.40 -0.21 18.66
CA GLU A 177 -34.65 0.12 20.09
C GLU A 177 -35.78 -0.77 20.63
N ASN A 178 -36.83 -0.98 19.82
CA ASN A 178 -37.91 -1.94 20.15
C ASN A 178 -37.42 -3.38 20.01
N GLN A 179 -36.32 -3.60 19.29
CA GLN A 179 -35.78 -4.94 18.95
C GLN A 179 -36.85 -5.75 18.21
N THR A 180 -37.78 -5.10 17.50
CA THR A 180 -38.83 -5.76 16.68
C THR A 180 -38.31 -5.94 15.25
N GLY A 181 -37.30 -5.18 14.83
CA GLY A 181 -36.68 -5.27 13.49
C GLY A 181 -35.20 -4.91 13.50
N TYR A 182 -34.48 -5.38 12.47
CA TYR A 182 -33.04 -5.07 12.25
C TYR A 182 -32.92 -3.57 11.92
N VAL A 183 -31.82 -2.93 12.36
CA VAL A 183 -31.51 -1.50 12.04
C VAL A 183 -31.78 -1.25 10.54
N ASP A 184 -32.31 -0.09 10.18
CA ASP A 184 -32.70 0.21 8.77
C ASP A 184 -31.45 0.15 7.89
N GLU A 185 -30.43 0.95 8.22
CA GLU A 185 -29.20 1.06 7.41
C GLU A 185 -28.64 -0.34 7.14
N CYS A 186 -28.31 -1.06 8.21
CA CYS A 186 -27.85 -2.49 8.19
C CYS A 186 -28.77 -3.43 7.39
N ALA A 187 -30.06 -3.13 7.23
CA ALA A 187 -31.03 -3.93 6.44
C ALA A 187 -30.92 -3.59 4.95
N ARG A 188 -30.96 -2.31 4.63
CA ARG A 188 -30.81 -1.83 3.22
C ARG A 188 -29.45 -2.25 2.67
N SER A 189 -28.40 -2.25 3.48
CA SER A 189 -27.00 -2.61 3.06
C SER A 189 -26.72 -4.05 3.52
N SER A 190 -25.59 -4.29 4.19
CA SER A 190 -25.20 -5.61 4.73
C SER A 190 -24.59 -5.44 6.12
N PRO A 191 -24.65 -6.48 6.99
CA PRO A 191 -23.96 -6.46 8.29
C PRO A 191 -22.50 -5.98 8.14
N VAL A 192 -21.86 -6.44 7.08
CA VAL A 192 -20.46 -6.09 6.76
C VAL A 192 -20.39 -4.61 6.44
N ASP A 193 -21.28 -4.11 5.57
CA ASP A 193 -21.27 -2.69 5.17
C ASP A 193 -21.54 -1.81 6.39
N TYR A 194 -22.43 -2.24 7.27
CA TYR A 194 -22.83 -1.51 8.47
C TYR A 194 -21.65 -1.41 9.44
N PHE A 195 -20.96 -2.53 9.69
CA PHE A 195 -19.79 -2.57 10.61
C PHE A 195 -18.71 -1.61 10.09
N TRP A 196 -18.50 -1.55 8.77
CA TRP A 196 -17.50 -0.64 8.16
C TRP A 196 -17.97 0.83 8.25
N TYR A 197 -19.10 1.17 7.70
CA TYR A 197 -19.51 2.61 7.61
C TYR A 197 -20.07 3.18 8.93
N ARG A 198 -20.74 2.36 9.74
CA ARG A 198 -21.39 2.87 10.97
C ARG A 198 -20.54 2.48 12.18
N GLU A 199 -20.34 1.20 12.45
CA GLU A 199 -19.76 0.73 13.72
C GLU A 199 -18.29 1.17 13.78
N THR A 200 -17.58 1.24 12.65
CA THR A 200 -16.13 1.56 12.58
C THR A 200 -15.92 3.03 12.19
N LEU A 201 -16.32 3.40 10.98
CA LEU A 201 -16.14 4.76 10.46
C LEU A 201 -17.03 5.74 11.21
N ASN A 202 -18.29 5.38 11.44
CA ASN A 202 -19.36 6.35 11.76
C ASN A 202 -19.34 7.42 10.69
N ILE A 203 -19.29 7.01 9.42
CA ILE A 203 -19.02 7.92 8.28
C ILE A 203 -20.10 8.98 8.20
N SER A 204 -19.74 10.20 7.86
CA SER A 204 -20.71 11.29 7.53
C SER A 204 -21.03 11.24 6.05
N THR A 205 -21.98 12.06 5.64
CA THR A 205 -22.48 12.11 4.24
C THR A 205 -21.47 12.80 3.29
N SER A 206 -20.57 13.66 3.76
CA SER A 206 -19.63 14.44 2.90
C SER A 206 -18.35 14.80 3.65
N ILE A 207 -17.29 15.11 2.90
CA ILE A 207 -15.99 15.63 3.43
C ILE A 207 -16.24 16.98 4.15
N SER A 208 -17.21 17.76 3.67
CA SER A 208 -17.73 19.01 4.32
C SER A 208 -18.17 18.71 5.76
N ASP A 209 -19.16 17.80 5.95
CA ASP A 209 -19.68 17.40 7.28
C ASP A 209 -18.62 16.58 8.00
N SER A 210 -17.77 17.24 8.79
CA SER A 210 -16.64 16.65 9.56
C SER A 210 -16.98 16.73 11.05
N GLY A 211 -17.44 15.63 11.65
CA GLY A 211 -17.85 15.60 13.07
C GLY A 211 -16.65 15.53 14.00
N SER A 212 -16.86 15.10 15.25
CA SER A 212 -15.82 15.00 16.29
C SER A 212 -14.81 13.87 15.97
N ILE A 213 -13.78 13.76 16.81
CA ILE A 213 -12.71 12.73 16.74
C ILE A 213 -13.31 11.44 17.33
N GLN A 214 -13.73 10.50 16.47
CA GLN A 214 -14.17 9.13 16.86
C GLN A 214 -13.13 8.55 17.82
N TRP A 215 -13.54 8.28 19.07
CA TRP A 215 -12.61 8.00 20.19
C TRP A 215 -11.92 6.64 19.98
N TRP A 216 -12.69 5.59 19.69
CA TRP A 216 -12.22 4.18 19.45
C TRP A 216 -11.27 4.17 18.24
N MET A 217 -11.49 5.03 17.24
CA MET A 217 -10.55 5.23 16.11
C MET A 217 -9.26 5.92 16.59
N LEU A 218 -9.34 6.90 17.47
CA LEU A 218 -8.13 7.53 18.06
C LEU A 218 -7.30 6.49 18.85
N LEU A 219 -7.90 5.64 19.69
CA LEU A 219 -7.14 4.61 20.45
C LEU A 219 -6.33 3.74 19.48
N CYS A 220 -6.96 3.30 18.40
CA CYS A 220 -6.33 2.40 17.39
C CYS A 220 -5.20 3.16 16.68
N LEU A 221 -5.42 4.44 16.39
CA LEU A 221 -4.39 5.30 15.77
C LEU A 221 -3.17 5.42 16.68
N ALA A 222 -3.41 5.68 17.97
CA ALA A 222 -2.39 5.74 19.04
C ALA A 222 -1.62 4.41 19.09
N CYS A 223 -2.34 3.31 19.08
CA CYS A 223 -1.76 1.94 19.11
C CYS A 223 -0.82 1.72 17.91
N ALA A 224 -1.22 2.16 16.72
CA ALA A 224 -0.47 2.04 15.44
C ALA A 224 0.85 2.83 15.53
N TRP A 225 0.80 4.15 15.72
CA TRP A 225 2.03 4.99 15.77
C TRP A 225 2.95 4.51 16.91
N SER A 226 2.36 4.06 18.02
CA SER A 226 3.12 3.61 19.22
C SER A 226 3.98 2.39 18.87
N VAL A 227 3.38 1.33 18.32
CA VAL A 227 4.13 0.09 17.93
C VAL A 227 5.16 0.43 16.83
N LEU A 228 4.90 1.45 16.03
CA LEU A 228 5.88 1.94 15.05
C LEU A 228 7.11 2.48 15.79
N TYR A 229 6.93 3.38 16.76
CA TYR A 229 8.01 3.91 17.63
C TYR A 229 8.76 2.73 18.28
N MET A 230 8.02 1.80 18.85
CA MET A 230 8.62 0.61 19.51
C MET A 230 9.55 -0.14 18.54
N CYS A 231 9.28 -0.20 17.25
CA CYS A 231 10.12 -0.92 16.24
C CYS A 231 11.15 -0.02 15.52
N THR A 232 11.03 1.31 15.50
CA THR A 232 11.96 2.23 14.78
C THR A 232 12.66 3.18 15.77
N ILE A 233 12.88 2.74 17.03
CA ILE A 233 13.41 3.55 18.18
C ILE A 233 14.86 3.99 17.84
N ARG A 234 15.78 3.04 17.60
CA ARG A 234 17.21 3.37 17.31
C ARG A 234 17.49 3.33 15.80
N GLY A 235 16.50 2.97 14.99
CA GLY A 235 16.60 2.93 13.52
C GLY A 235 16.77 1.53 13.00
N ILE A 236 17.71 1.33 12.07
CA ILE A 236 17.88 0.05 11.32
C ILE A 236 18.25 -1.10 12.27
N GLU A 237 18.95 -0.82 13.38
CA GLU A 237 19.37 -1.77 14.45
C GLU A 237 18.15 -2.55 14.95
N THR A 238 17.24 -1.81 15.59
CA THR A 238 16.00 -2.30 16.22
C THR A 238 15.02 -2.81 15.14
N THR A 239 14.91 -2.18 13.96
CA THR A 239 13.99 -2.61 12.87
C THR A 239 14.47 -3.91 12.26
N GLY A 240 15.80 -4.06 12.08
CA GLY A 240 16.48 -5.28 11.61
C GLY A 240 16.06 -6.53 12.37
N LYS A 241 15.85 -6.41 13.66
CA LYS A 241 15.34 -7.52 14.54
C LYS A 241 13.80 -7.62 14.48
N ALA A 242 13.07 -6.55 14.13
CA ALA A 242 11.61 -6.55 13.84
C ALA A 242 11.30 -7.27 12.53
N VAL A 243 12.10 -7.08 11.46
CA VAL A 243 11.78 -7.58 10.09
C VAL A 243 11.89 -9.12 9.99
N TYR A 244 12.35 -9.86 11.01
CA TYR A 244 12.33 -11.35 11.00
C TYR A 244 10.86 -11.78 10.97
N ILE A 245 10.08 -11.55 12.04
CA ILE A 245 8.64 -11.94 12.11
C ILE A 245 7.80 -11.17 11.06
N THR A 246 8.05 -9.87 10.93
CA THR A 246 7.25 -8.91 10.14
C THR A 246 7.37 -9.23 8.64
N SER A 247 8.55 -9.59 8.16
CA SER A 247 8.75 -9.88 6.71
C SER A 247 8.49 -11.37 6.41
N THR A 248 8.33 -12.26 7.40
CA THR A 248 8.13 -13.72 7.19
C THR A 248 6.67 -14.14 7.42
N LEU A 249 5.98 -13.63 8.46
CA LEU A 249 4.55 -13.95 8.76
C LEU A 249 3.66 -13.72 7.54
N PRO A 250 3.64 -12.52 6.88
CA PRO A 250 2.77 -12.28 5.73
C PRO A 250 2.78 -13.47 4.77
N TYR A 251 3.97 -14.00 4.47
CA TYR A 251 4.18 -15.20 3.61
C TYR A 251 3.53 -16.42 4.22
N VAL A 252 4.02 -16.93 5.36
CA VAL A 252 3.49 -18.18 6.03
C VAL A 252 1.94 -18.12 5.98
N VAL A 253 1.34 -17.00 6.39
CA VAL A 253 -0.14 -16.78 6.43
C VAL A 253 -0.71 -16.69 5.01
N LEU A 254 -0.03 -16.05 4.06
CA LEU A 254 -0.51 -15.96 2.65
C LEU A 254 -0.60 -17.35 2.00
N THR A 255 0.26 -18.31 2.39
CA THR A 255 0.28 -19.70 1.89
C THR A 255 -0.86 -20.50 2.54
N ILE A 256 -1.07 -20.38 3.86
CA ILE A 256 -2.25 -20.97 4.58
C ILE A 256 -3.54 -20.54 3.87
N PHE A 257 -3.67 -19.26 3.51
CA PHE A 257 -4.85 -18.70 2.78
C PHE A 257 -4.93 -19.18 1.33
N LEU A 258 -3.89 -19.80 0.75
CA LEU A 258 -3.99 -20.45 -0.59
C LEU A 258 -4.63 -21.82 -0.42
N ILE A 259 -4.18 -22.64 0.54
CA ILE A 259 -4.69 -24.04 0.74
C ILE A 259 -6.18 -23.94 1.09
N ARG A 260 -6.56 -22.94 1.89
CA ARG A 260 -7.96 -22.68 2.26
C ARG A 260 -8.68 -22.03 1.09
N GLY A 261 -8.08 -21.02 0.46
CA GLY A 261 -8.56 -20.35 -0.77
C GLY A 261 -9.06 -21.35 -1.79
N LEU A 262 -8.25 -22.35 -2.15
CA LEU A 262 -8.49 -23.28 -3.29
C LEU A 262 -9.46 -24.42 -2.90
N THR A 263 -9.66 -24.67 -1.61
CA THR A 263 -10.72 -25.59 -1.08
C THR A 263 -12.11 -24.91 -1.11
N LEU A 264 -12.19 -23.58 -1.15
CA LEU A 264 -13.47 -22.84 -1.27
C LEU A 264 -14.14 -23.18 -2.62
N LYS A 265 -15.44 -23.50 -2.60
CA LYS A 265 -16.28 -23.84 -3.77
C LYS A 265 -16.01 -22.94 -4.99
N GLY A 266 -16.17 -21.65 -4.82
CA GLY A 266 -16.07 -20.73 -5.97
C GLY A 266 -14.64 -20.49 -6.43
N ALA A 267 -13.58 -20.84 -5.67
CA ALA A 267 -12.18 -20.77 -6.17
C ALA A 267 -12.03 -21.68 -7.39
N THR A 268 -11.03 -21.41 -8.24
CA THR A 268 -10.84 -22.12 -9.54
C THR A 268 -11.99 -21.78 -10.52
N ASN A 269 -13.01 -21.00 -10.13
CA ASN A 269 -14.00 -20.31 -10.99
C ASN A 269 -13.56 -18.86 -11.13
N GLY A 270 -13.23 -18.22 -10.01
CA GLY A 270 -12.58 -16.90 -9.96
C GLY A 270 -11.10 -16.92 -10.35
N ILE A 271 -10.35 -18.02 -10.11
CA ILE A 271 -8.92 -18.12 -10.59
C ILE A 271 -8.92 -18.07 -12.11
N VAL A 272 -9.73 -18.93 -12.72
CA VAL A 272 -10.01 -18.96 -14.18
C VAL A 272 -10.41 -17.56 -14.66
N PHE A 273 -11.11 -16.77 -13.83
CA PHE A 273 -11.61 -15.42 -14.20
C PHE A 273 -10.45 -14.43 -14.33
N LEU A 274 -9.38 -14.52 -13.53
CA LEU A 274 -8.22 -13.58 -13.64
C LEU A 274 -7.33 -13.94 -14.84
N PHE A 275 -7.27 -15.21 -15.20
CA PHE A 275 -6.47 -15.73 -16.35
C PHE A 275 -7.13 -15.49 -17.70
N THR A 276 -8.38 -15.03 -17.78
CA THR A 276 -9.12 -14.78 -19.05
C THR A 276 -9.31 -13.26 -19.15
N PRO A 277 -8.25 -12.47 -19.49
CA PRO A 277 -8.22 -11.05 -19.17
C PRO A 277 -9.10 -10.22 -20.11
N ASN A 278 -9.63 -9.11 -19.59
CA ASN A 278 -10.43 -8.17 -20.41
C ASN A 278 -9.43 -7.35 -21.23
N VAL A 279 -9.64 -7.29 -22.54
CA VAL A 279 -8.67 -6.62 -23.48
C VAL A 279 -9.14 -5.19 -23.74
N THR A 280 -10.46 -4.98 -23.86
CA THR A 280 -11.05 -3.62 -23.84
C THR A 280 -10.33 -2.76 -22.80
N GLU A 281 -10.16 -3.26 -21.57
CA GLU A 281 -9.47 -2.47 -20.50
C GLU A 281 -7.98 -2.27 -20.83
N LEU A 282 -7.32 -3.28 -21.42
CA LEU A 282 -5.93 -3.18 -21.95
C LEU A 282 -5.77 -2.01 -22.94
N ALA A 283 -6.83 -1.53 -23.61
CA ALA A 283 -6.79 -0.33 -24.48
C ALA A 283 -7.16 0.97 -23.73
N GLN A 284 -7.22 0.99 -22.38
CA GLN A 284 -7.54 2.21 -21.59
C GLN A 284 -6.25 2.80 -21.03
N PRO A 285 -6.00 4.14 -21.10
CA PRO A 285 -4.82 4.74 -20.47
C PRO A 285 -4.84 4.65 -18.93
N ASP A 286 -6.05 4.66 -18.35
CA ASP A 286 -6.37 4.41 -16.91
C ASP A 286 -5.74 3.11 -16.39
N THR A 287 -5.86 1.98 -17.09
CA THR A 287 -5.32 0.66 -16.65
C THR A 287 -3.78 0.73 -16.64
N TRP A 288 -3.20 1.35 -17.66
CA TRP A 288 -1.72 1.52 -17.79
C TRP A 288 -1.20 2.50 -16.73
N LEU A 289 -1.91 3.61 -16.48
CA LEU A 289 -1.49 4.58 -15.44
C LEU A 289 -1.42 3.88 -14.08
N ASP A 290 -2.51 3.23 -13.65
CA ASP A 290 -2.60 2.53 -12.34
C ASP A 290 -1.55 1.42 -12.26
N ALA A 291 -1.28 0.71 -13.36
CA ALA A 291 -0.21 -0.31 -13.44
C ALA A 291 1.16 0.36 -13.26
N GLY A 292 1.37 1.51 -13.91
CA GLY A 292 2.60 2.32 -13.82
C GLY A 292 2.91 2.73 -12.40
N ALA A 293 2.01 3.50 -11.79
CA ALA A 293 2.13 3.99 -10.38
C ALA A 293 2.27 2.84 -9.37
N GLN A 294 1.79 1.64 -9.69
CA GLN A 294 1.88 0.48 -8.79
C GLN A 294 3.29 -0.13 -8.82
N VAL A 295 4.01 0.00 -9.94
CA VAL A 295 5.42 -0.47 -10.04
C VAL A 295 6.25 0.31 -9.01
N PHE A 296 6.08 1.62 -8.95
CA PHE A 296 6.81 2.49 -7.99
C PHE A 296 6.38 2.22 -6.54
N PHE A 297 5.25 1.56 -6.30
CA PHE A 297 4.70 1.21 -4.96
C PHE A 297 5.16 -0.19 -4.58
N SER A 298 5.00 -1.16 -5.48
CA SER A 298 5.43 -2.56 -5.27
C SER A 298 6.95 -2.69 -5.16
N PHE A 299 7.72 -1.75 -5.72
CA PHE A 299 9.21 -1.75 -5.64
C PHE A 299 9.75 -0.70 -4.67
N SER A 300 8.91 0.03 -3.92
CA SER A 300 9.32 1.06 -2.92
C SER A 300 10.30 2.06 -3.53
N LEU A 301 10.17 2.37 -4.83
CA LEU A 301 11.09 3.28 -5.57
C LEU A 301 10.57 4.68 -5.38
N ALA A 302 11.46 5.68 -5.47
CA ALA A 302 11.15 7.13 -5.39
C ALA A 302 10.63 7.55 -3.99
N PHE A 303 10.69 6.69 -2.98
CA PHE A 303 10.48 6.97 -1.54
C PHE A 303 11.85 7.22 -0.88
N GLY A 304 12.92 6.58 -1.40
CA GLY A 304 14.31 6.92 -1.04
C GLY A 304 14.76 6.23 0.23
N GLY A 305 13.93 5.39 0.84
CA GLY A 305 14.34 4.54 1.98
C GLY A 305 15.11 3.31 1.56
N LEU A 306 15.19 2.95 0.26
CA LEU A 306 16.00 1.80 -0.23
C LEU A 306 17.46 2.25 -0.47
N ILE A 307 17.64 3.47 -0.98
CA ILE A 307 18.97 4.12 -1.15
C ILE A 307 19.71 4.10 0.20
N SER A 308 19.08 4.64 1.25
CA SER A 308 19.58 4.64 2.66
C SER A 308 19.90 3.22 3.15
N PHE A 309 19.09 2.24 2.80
CA PHE A 309 19.28 0.83 3.25
C PHE A 309 20.48 0.21 2.52
N SER A 310 20.67 0.47 1.23
CA SER A 310 21.85 -0.01 0.47
C SER A 310 23.13 0.74 0.89
N SER A 311 23.02 1.97 1.38
CA SER A 311 24.14 2.79 1.91
C SER A 311 24.77 2.22 3.19
N TYR A 312 24.28 1.14 3.79
CA TYR A 312 24.87 0.46 4.96
C TYR A 312 25.45 -0.91 4.59
N ASN A 313 25.50 -1.26 3.31
CA ASN A 313 26.16 -2.51 2.82
C ASN A 313 27.67 -2.26 2.73
N SER A 314 28.44 -3.34 2.62
CA SER A 314 29.85 -3.32 2.15
C SER A 314 29.89 -2.68 0.76
N VAL A 315 30.95 -1.92 0.49
CA VAL A 315 31.21 -1.26 -0.83
C VAL A 315 31.36 -2.34 -1.94
N HIS A 316 31.83 -3.55 -1.62
CA HIS A 316 32.05 -4.69 -2.57
C HIS A 316 30.90 -5.71 -2.53
N ASN A 317 29.70 -5.34 -2.06
CA ASN A 317 28.49 -6.23 -2.06
C ASN A 317 27.92 -6.25 -3.48
N ASN A 318 27.41 -7.42 -3.91
CA ASN A 318 26.80 -7.59 -5.25
C ASN A 318 25.39 -7.00 -5.17
N CYS A 319 25.28 -5.71 -5.50
CA CYS A 319 24.01 -4.95 -5.56
C CYS A 319 23.25 -5.20 -6.88
N GLU A 320 23.86 -5.82 -7.90
CA GLU A 320 23.18 -6.29 -9.14
C GLU A 320 22.40 -7.57 -8.88
N LYS A 321 22.89 -8.45 -8.02
CA LYS A 321 22.29 -9.77 -7.70
C LYS A 321 21.14 -9.57 -6.69
N ASP A 322 21.32 -8.69 -5.70
CA ASP A 322 20.30 -8.35 -4.67
C ASP A 322 19.05 -7.76 -5.34
N SER A 323 19.23 -6.85 -6.31
CA SER A 323 18.13 -6.20 -7.07
C SER A 323 17.31 -7.27 -7.82
N VAL A 324 17.97 -8.23 -8.46
CA VAL A 324 17.32 -9.30 -9.28
C VAL A 324 16.58 -10.26 -8.34
N ILE A 325 17.16 -10.65 -7.21
CA ILE A 325 16.51 -11.56 -6.20
C ILE A 325 15.25 -10.87 -5.67
N VAL A 326 15.38 -9.62 -5.23
CA VAL A 326 14.26 -8.82 -4.65
C VAL A 326 13.17 -8.69 -5.69
N SER A 327 13.53 -8.31 -6.92
CA SER A 327 12.55 -8.16 -8.03
C SER A 327 11.81 -9.46 -8.36
N ILE A 328 12.53 -10.58 -8.43
CA ILE A 328 11.94 -11.91 -8.76
C ILE A 328 10.91 -12.24 -7.66
N ILE A 329 11.26 -12.09 -6.39
CA ILE A 329 10.29 -12.32 -5.27
C ILE A 329 9.12 -11.31 -5.39
N ASN A 330 9.36 -10.05 -5.73
CA ASN A 330 8.29 -9.03 -5.87
C ASN A 330 7.31 -9.37 -6.99
N GLY A 331 7.79 -9.81 -8.15
CA GLY A 331 6.95 -10.25 -9.26
C GLY A 331 6.17 -11.51 -8.92
N PHE A 332 6.76 -12.42 -8.15
CA PHE A 332 6.15 -13.73 -7.79
C PHE A 332 5.04 -13.50 -6.77
N THR A 333 5.25 -12.65 -5.76
CA THR A 333 4.27 -12.39 -4.67
C THR A 333 3.06 -11.63 -5.24
N SER A 334 3.23 -10.71 -6.19
CA SER A 334 2.09 -10.08 -6.92
C SER A 334 1.14 -11.17 -7.43
N VAL A 335 1.65 -12.16 -8.15
CA VAL A 335 0.83 -13.23 -8.80
C VAL A 335 0.26 -14.12 -7.69
N TYR A 336 1.06 -14.47 -6.69
CA TYR A 336 0.65 -15.27 -5.51
C TYR A 336 -0.43 -14.58 -4.68
N VAL A 337 -0.48 -13.24 -4.68
CA VAL A 337 -1.49 -12.41 -3.97
C VAL A 337 -2.75 -12.38 -4.84
N ALA A 338 -2.63 -12.13 -6.14
CA ALA A 338 -3.79 -12.11 -7.07
C ALA A 338 -4.53 -13.45 -7.05
N ILE A 339 -3.81 -14.57 -6.87
CA ILE A 339 -4.39 -15.93 -6.77
C ILE A 339 -5.20 -16.04 -5.48
N VAL A 340 -4.62 -15.69 -4.34
CA VAL A 340 -5.32 -15.75 -3.02
C VAL A 340 -6.52 -14.79 -3.04
N VAL A 341 -6.47 -13.69 -3.79
CA VAL A 341 -7.58 -12.69 -3.86
C VAL A 341 -8.71 -13.24 -4.73
N TYR A 342 -8.40 -13.86 -5.85
CA TYR A 342 -9.43 -14.30 -6.83
C TYR A 342 -10.04 -15.63 -6.35
N SER A 343 -9.32 -16.50 -5.64
CA SER A 343 -9.94 -17.61 -4.88
C SER A 343 -11.15 -17.07 -4.10
N VAL A 344 -10.94 -16.11 -3.21
CA VAL A 344 -11.99 -15.60 -2.30
C VAL A 344 -13.03 -14.89 -3.14
N ILE A 345 -12.64 -14.06 -4.13
CA ILE A 345 -13.66 -13.36 -4.98
C ILE A 345 -14.56 -14.41 -5.61
N GLY A 346 -13.97 -15.47 -6.18
CA GLY A 346 -14.68 -16.56 -6.86
C GLY A 346 -15.67 -17.26 -5.95
N PHE A 347 -15.17 -17.66 -4.79
CA PHE A 347 -15.97 -18.23 -3.66
C PHE A 347 -17.16 -17.33 -3.31
N ARG A 348 -16.89 -16.07 -3.05
CA ARG A 348 -17.97 -15.10 -2.78
C ARG A 348 -18.96 -15.02 -3.96
N ALA A 349 -18.48 -14.99 -5.19
CA ALA A 349 -19.37 -14.72 -6.36
C ALA A 349 -20.26 -15.93 -6.57
N THR A 350 -19.71 -17.13 -6.40
CA THR A 350 -20.46 -18.39 -6.43
C THR A 350 -21.55 -18.36 -5.37
N GLN A 351 -21.21 -17.98 -4.13
CA GLN A 351 -22.19 -17.88 -3.01
C GLN A 351 -23.36 -16.99 -3.44
N ARG A 352 -23.08 -15.83 -4.00
CA ARG A 352 -24.12 -14.83 -4.33
C ARG A 352 -24.93 -15.36 -5.52
N TYR A 353 -24.29 -16.04 -6.46
CA TYR A 353 -24.96 -16.67 -7.62
C TYR A 353 -25.94 -17.76 -7.15
N ASP A 354 -25.48 -18.64 -6.27
CA ASP A 354 -26.35 -19.73 -5.75
C ASP A 354 -27.49 -19.16 -4.92
N ASP A 355 -27.21 -18.15 -4.09
CA ASP A 355 -28.25 -17.54 -3.22
C ASP A 355 -29.26 -16.76 -4.05
N CYS A 356 -28.92 -16.43 -5.29
CA CYS A 356 -29.81 -15.76 -6.26
C CYS A 356 -30.66 -16.81 -7.00
N PHE A 357 -30.05 -17.86 -7.52
CA PHE A 357 -30.82 -18.93 -8.21
C PHE A 357 -31.78 -19.56 -7.18
N SER A 358 -31.33 -19.72 -5.94
CA SER A 358 -32.17 -20.30 -4.86
C SER A 358 -33.40 -19.42 -4.66
N THR A 359 -33.22 -18.10 -4.61
CA THR A 359 -34.34 -17.16 -4.44
C THR A 359 -35.23 -17.22 -5.69
N ASN A 360 -34.65 -17.12 -6.88
CA ASN A 360 -35.40 -17.27 -8.15
C ASN A 360 -36.20 -18.57 -8.08
N ILE A 361 -35.63 -19.60 -7.47
CA ILE A 361 -36.34 -20.89 -7.26
C ILE A 361 -37.46 -20.69 -6.25
N LEU A 362 -37.18 -20.08 -5.11
CA LEU A 362 -38.19 -19.95 -4.03
C LEU A 362 -39.43 -19.22 -4.58
N THR A 363 -39.27 -18.14 -5.34
CA THR A 363 -40.40 -17.33 -5.89
C THR A 363 -41.36 -18.24 -6.68
N LEU A 364 -40.84 -19.01 -7.64
CA LEU A 364 -41.68 -19.89 -8.51
C LEU A 364 -42.45 -20.89 -7.64
N ILE A 365 -41.77 -21.58 -6.73
CA ILE A 365 -42.37 -22.61 -5.82
C ILE A 365 -43.43 -21.94 -4.92
N ASN A 366 -43.19 -20.72 -4.44
CA ASN A 366 -44.11 -20.02 -3.50
C ASN A 366 -45.26 -19.33 -4.26
N GLY A 367 -45.24 -19.32 -5.60
CA GLY A 367 -46.35 -18.80 -6.42
C GLY A 367 -47.14 -19.85 -7.17
N PHE A 368 -46.65 -21.08 -7.24
CA PHE A 368 -47.29 -22.20 -7.99
C PHE A 368 -47.38 -23.47 -7.12
N ASP A 369 -46.77 -23.53 -5.92
CA ASP A 369 -46.92 -24.63 -4.92
C ASP A 369 -46.46 -25.95 -5.55
N LEU A 370 -45.23 -25.97 -6.07
CA LEU A 370 -44.65 -27.22 -6.63
C LEU A 370 -43.92 -27.94 -5.48
N ASN A 374 -38.35 -30.23 -6.43
CA ASN A 374 -38.95 -30.38 -7.78
C ASN A 374 -38.45 -29.31 -8.77
N VAL A 375 -37.65 -28.31 -8.36
CA VAL A 375 -36.98 -27.33 -9.27
C VAL A 375 -35.49 -27.22 -8.93
N THR A 376 -34.60 -27.42 -9.89
CA THR A 376 -33.13 -27.35 -9.70
C THR A 376 -32.56 -26.18 -10.47
N GLN A 377 -31.25 -25.91 -10.27
CA GLN A 377 -30.44 -24.89 -11.01
C GLN A 377 -30.44 -25.23 -12.52
N GLU A 378 -30.87 -26.45 -12.89
CA GLU A 378 -30.88 -26.95 -14.28
C GLU A 378 -32.28 -26.80 -14.88
N ASN A 379 -33.29 -27.45 -14.32
CA ASN A 379 -34.68 -27.46 -14.90
C ASN A 379 -35.43 -26.21 -14.43
N PHE A 380 -34.98 -25.01 -14.80
CA PHE A 380 -35.57 -23.72 -14.33
C PHE A 380 -36.23 -23.05 -15.54
N VAL A 381 -35.48 -22.78 -16.61
CA VAL A 381 -35.98 -21.97 -17.76
C VAL A 381 -37.16 -22.72 -18.41
N ASP A 382 -37.07 -24.04 -18.55
CA ASP A 382 -38.22 -24.89 -18.98
C ASP A 382 -39.31 -24.89 -17.89
N MET A 383 -38.92 -24.98 -16.62
CA MET A 383 -39.88 -25.08 -15.50
C MET A 383 -40.81 -23.85 -15.52
N GLN A 384 -40.26 -22.65 -15.38
CA GLN A 384 -41.05 -21.40 -15.39
C GLN A 384 -41.87 -21.34 -16.67
N GLN A 385 -41.27 -21.72 -17.81
CA GLN A 385 -41.95 -21.68 -19.13
C GLN A 385 -43.27 -22.46 -19.02
N ARG A 386 -43.22 -23.76 -18.71
CA ARG A 386 -44.43 -24.61 -18.62
C ARG A 386 -45.36 -24.02 -17.53
N CYS A 387 -44.82 -23.66 -16.36
CA CYS A 387 -45.62 -23.11 -15.24
C CYS A 387 -46.52 -21.99 -15.76
N ASN A 388 -45.96 -21.05 -16.55
CA ASN A 388 -46.68 -19.88 -17.11
C ASN A 388 -47.62 -20.33 -18.24
N ALA A 394 -50.88 -15.36 -12.90
CA ALA A 394 -50.06 -15.28 -11.67
C ALA A 394 -48.56 -15.17 -11.96
N TYR A 395 -48.07 -15.85 -13.01
CA TYR A 395 -46.65 -15.83 -13.41
C TYR A 395 -46.14 -14.38 -13.47
N ALA A 396 -46.92 -13.49 -14.08
CA ALA A 396 -46.62 -12.04 -14.17
C ALA A 396 -46.41 -11.45 -12.78
N GLN A 397 -47.23 -11.86 -11.82
CA GLN A 397 -47.17 -11.37 -10.41
C GLN A 397 -45.77 -11.70 -9.84
N LEU A 398 -45.24 -12.89 -10.16
CA LEU A 398 -43.89 -13.32 -9.68
C LEU A 398 -42.81 -12.47 -10.36
N VAL A 399 -41.75 -12.14 -9.61
CA VAL A 399 -40.57 -11.38 -10.09
C VAL A 399 -39.33 -12.26 -9.89
N PHE A 400 -38.56 -12.47 -10.97
CA PHE A 400 -37.32 -13.28 -10.95
C PHE A 400 -36.13 -12.34 -11.16
N GLN A 401 -35.26 -12.22 -10.15
CA GLN A 401 -34.01 -11.42 -10.23
C GLN A 401 -32.98 -12.11 -11.13
N THR A 402 -32.99 -11.82 -12.42
CA THR A 402 -31.92 -12.22 -13.39
C THR A 402 -30.53 -12.12 -12.75
N CYS A 403 -29.73 -13.18 -12.88
CA CYS A 403 -28.33 -13.18 -12.37
C CYS A 403 -27.48 -14.29 -13.00
N ASP A 404 -26.23 -13.95 -13.34
CA ASP A 404 -25.23 -14.89 -13.91
C ASP A 404 -23.92 -14.72 -13.14
N ILE A 405 -23.14 -15.79 -13.02
CA ILE A 405 -21.86 -15.77 -12.24
C ILE A 405 -20.92 -14.67 -12.76
N ASN A 406 -20.96 -14.33 -14.06
CA ASN A 406 -20.02 -13.37 -14.65
C ASN A 406 -20.18 -12.01 -13.95
N ALA A 407 -21.40 -11.53 -13.78
CA ALA A 407 -21.68 -10.22 -13.16
C ALA A 407 -21.17 -10.23 -11.72
N PHE A 408 -21.38 -11.32 -10.99
CA PHE A 408 -20.90 -11.47 -9.59
C PHE A 408 -19.37 -11.37 -9.56
N LEU A 409 -18.68 -12.07 -10.46
CA LEU A 409 -17.20 -12.01 -10.55
C LEU A 409 -16.72 -10.60 -10.91
N SER A 410 -17.46 -9.87 -11.73
CA SER A 410 -17.06 -8.51 -12.20
C SER A 410 -17.24 -7.46 -11.11
N GLU A 411 -18.14 -7.67 -10.13
CA GLU A 411 -18.38 -6.72 -9.01
C GLU A 411 -17.02 -6.22 -8.51
N ALA A 412 -16.82 -4.90 -8.47
CA ALA A 412 -15.60 -4.27 -7.93
C ALA A 412 -16.00 -3.47 -6.69
N VAL A 413 -15.45 -3.85 -5.55
CA VAL A 413 -15.52 -3.09 -4.28
C VAL A 413 -14.51 -1.94 -4.43
N GLU A 414 -14.90 -0.72 -4.03
CA GLU A 414 -14.02 0.48 -4.06
C GLU A 414 -13.34 0.65 -2.70
N GLY A 415 -12.23 1.39 -2.65
CA GLY A 415 -11.54 1.82 -1.42
C GLY A 415 -10.77 0.69 -0.77
N THR A 416 -10.96 0.50 0.54
CA THR A 416 -10.36 -0.58 1.38
C THR A 416 -11.28 -1.81 1.44
N GLY A 417 -12.33 -1.87 0.60
CA GLY A 417 -13.43 -2.81 0.74
C GLY A 417 -12.99 -4.25 0.56
N LEU A 418 -11.92 -4.51 -0.19
CA LEU A 418 -11.48 -5.90 -0.40
C LEU A 418 -11.11 -6.57 0.94
N ALA A 419 -10.63 -5.86 1.94
CA ALA A 419 -10.29 -6.44 3.27
C ALA A 419 -11.48 -6.37 4.23
N PHE A 420 -12.22 -5.26 4.22
CA PHE A 420 -13.25 -4.97 5.24
C PHE A 420 -14.65 -5.33 4.76
N ILE A 421 -14.85 -5.59 3.47
CA ILE A 421 -16.20 -5.92 2.93
C ILE A 421 -16.21 -7.26 2.19
N VAL A 422 -15.17 -7.66 1.48
CA VAL A 422 -15.14 -8.93 0.69
C VAL A 422 -14.51 -10.06 1.53
N PHE A 423 -13.33 -9.86 2.07
CA PHE A 423 -12.64 -10.92 2.86
C PHE A 423 -13.34 -11.17 4.19
N THR A 424 -13.75 -10.10 4.85
CA THR A 424 -14.37 -10.19 6.19
C THR A 424 -15.73 -10.91 6.13
N GLU A 425 -16.44 -10.84 5.00
CA GLU A 425 -17.73 -11.53 4.80
C GLU A 425 -17.50 -13.00 4.46
N ALA A 426 -16.59 -13.26 3.51
CA ALA A 426 -16.20 -14.63 3.13
C ALA A 426 -15.70 -15.40 4.35
N ILE A 427 -14.92 -14.76 5.20
CA ILE A 427 -14.41 -15.39 6.46
C ILE A 427 -15.60 -15.88 7.30
N THR A 428 -16.68 -15.11 7.40
CA THR A 428 -17.85 -15.47 8.26
C THR A 428 -18.56 -16.72 7.73
N LYS A 429 -18.42 -17.05 6.44
CA LYS A 429 -18.99 -18.28 5.79
C LYS A 429 -17.93 -19.38 5.72
N MET A 430 -16.82 -19.30 6.47
CA MET A 430 -15.73 -20.31 6.54
C MET A 430 -15.66 -20.78 7.99
N PRO A 431 -15.76 -22.10 8.31
CA PRO A 431 -15.57 -22.56 9.69
C PRO A 431 -14.18 -22.21 10.22
N LEU A 432 -14.05 -21.89 11.52
CA LEU A 432 -12.89 -21.17 12.16
C LEU A 432 -12.79 -19.72 11.62
N SER A 433 -13.95 -19.10 11.30
CA SER A 433 -14.11 -17.64 10.99
C SER A 433 -13.19 -16.78 11.88
N PRO A 434 -13.24 -16.88 13.23
CA PRO A 434 -12.34 -16.11 14.12
C PRO A 434 -10.85 -16.32 13.81
N LEU A 435 -10.37 -17.56 13.65
CA LEU A 435 -8.95 -17.88 13.26
C LEU A 435 -8.65 -17.17 11.93
N TRP A 436 -9.46 -17.49 10.92
CA TRP A 436 -9.36 -16.88 9.58
C TRP A 436 -9.37 -15.35 9.68
N SER A 437 -10.10 -14.78 10.63
CA SER A 437 -10.09 -13.32 10.90
C SER A 437 -8.75 -12.88 11.50
N VAL A 438 -8.22 -13.57 12.50
CA VAL A 438 -7.01 -13.12 13.23
C VAL A 438 -5.79 -13.31 12.32
N LEU A 439 -5.65 -14.47 11.66
CA LEU A 439 -4.57 -14.74 10.66
C LEU A 439 -4.54 -13.67 9.57
N PHE A 440 -5.70 -13.32 9.00
CA PHE A 440 -5.80 -12.38 7.86
C PHE A 440 -5.40 -10.97 8.31
N PHE A 441 -5.82 -10.53 9.51
CA PHE A 441 -5.55 -9.14 9.98
C PHE A 441 -4.16 -9.03 10.65
N ILE A 442 -3.55 -10.11 11.11
CA ILE A 442 -2.10 -10.12 11.54
C ILE A 442 -1.20 -10.02 10.27
N MET A 443 -1.51 -10.73 9.20
CA MET A 443 -0.71 -10.69 7.94
C MET A 443 -0.83 -9.33 7.24
N LEU A 444 -1.93 -8.62 7.48
CA LEU A 444 -2.16 -7.26 6.94
C LEU A 444 -1.46 -6.23 7.83
N PHE A 445 -1.36 -6.49 9.13
CA PHE A 445 -0.62 -5.63 10.09
C PHE A 445 0.86 -5.69 9.74
N CYS A 446 1.42 -6.89 9.82
CA CYS A 446 2.84 -7.21 9.43
C CYS A 446 3.21 -6.51 8.13
N LEU A 447 2.44 -6.76 7.08
CA LEU A 447 2.60 -6.10 5.75
C LEU A 447 2.59 -4.58 5.89
N GLY A 448 1.68 -4.02 6.68
CA GLY A 448 1.60 -2.55 6.84
C GLY A 448 2.75 -2.00 7.66
N LEU A 449 3.24 -2.78 8.60
CA LEU A 449 4.28 -2.38 9.57
C LEU A 449 5.63 -2.36 8.87
N SER A 450 5.98 -3.45 8.20
CA SER A 450 7.18 -3.54 7.33
C SER A 450 7.16 -2.43 6.26
N SER A 451 6.00 -2.02 5.73
CA SER A 451 5.92 -0.86 4.80
C SER A 451 6.29 0.43 5.54
N MET A 452 5.84 0.58 6.78
CA MET A 452 6.10 1.80 7.58
C MET A 452 7.59 1.94 7.91
N PHE A 453 8.29 0.84 8.16
CA PHE A 453 9.76 0.86 8.44
C PHE A 453 10.52 1.58 7.33
N GLY A 454 10.26 1.24 6.07
CA GLY A 454 10.90 1.96 4.97
C GLY A 454 10.42 3.39 4.80
N ASN A 455 9.16 3.67 5.14
CA ASN A 455 8.60 5.04 5.06
C ASN A 455 9.21 5.92 6.15
N MET A 456 9.45 5.36 7.35
CA MET A 456 10.13 6.04 8.50
C MET A 456 11.58 6.39 8.15
N GLU A 457 12.30 5.50 7.46
CA GLU A 457 13.72 5.70 7.03
C GLU A 457 13.83 6.83 5.98
N GLY A 458 12.78 7.07 5.19
CA GLY A 458 12.76 8.11 4.14
C GLY A 458 12.38 9.48 4.64
N VAL A 459 12.11 9.64 5.94
CA VAL A 459 11.77 10.93 6.63
C VAL A 459 12.77 11.21 7.76
N VAL A 460 13.16 10.20 8.54
CA VAL A 460 14.13 10.28 9.69
C VAL A 460 15.53 10.65 9.18
N VAL A 461 16.02 9.93 8.17
CA VAL A 461 17.41 10.07 7.63
C VAL A 461 17.54 11.46 6.99
N PRO A 462 16.69 11.88 6.02
CA PRO A 462 16.76 13.24 5.47
C PRO A 462 16.70 14.39 6.49
N LEU A 463 16.13 14.16 7.66
CA LEU A 463 16.12 15.08 8.83
C LEU A 463 17.49 15.11 9.52
N GLN A 464 18.09 13.93 9.76
CA GLN A 464 19.47 13.80 10.33
C GLN A 464 20.51 14.47 9.41
N ASP A 465 20.31 14.43 8.10
CA ASP A 465 21.22 15.07 7.10
C ASP A 465 21.01 16.57 7.17
N LEU A 466 19.76 17.03 7.19
CA LEU A 466 19.45 18.47 7.34
C LEU A 466 19.90 18.98 8.71
N ARG A 467 20.20 18.09 9.67
CA ARG A 467 20.64 18.51 11.02
C ARG A 467 19.55 19.41 11.64
N VAL A 468 18.28 19.03 11.48
CA VAL A 468 17.11 19.79 12.01
C VAL A 468 17.22 19.88 13.55
N ILE A 469 17.55 18.76 14.20
CA ILE A 469 17.70 18.70 15.69
C ILE A 469 19.16 19.02 16.03
N PRO A 470 19.50 19.31 17.31
CA PRO A 470 20.89 19.45 17.72
C PRO A 470 21.55 18.08 17.77
N PRO A 471 22.85 17.92 17.39
CA PRO A 471 23.48 16.59 17.32
C PRO A 471 23.47 15.80 18.63
N LYS A 472 23.52 16.50 19.77
CA LYS A 472 23.53 15.90 21.14
C LYS A 472 22.35 14.94 21.30
N TRP A 473 21.15 15.31 20.83
CA TRP A 473 19.92 14.49 21.01
C TRP A 473 20.16 13.09 20.45
N PRO A 474 19.75 12.02 21.18
CA PRO A 474 19.87 10.65 20.66
C PRO A 474 18.89 10.41 19.48
N LYS A 475 18.92 9.21 18.92
CA LYS A 475 18.04 8.79 17.80
C LYS A 475 16.57 8.70 18.25
N GLU A 476 16.34 8.19 19.45
CA GLU A 476 14.98 7.93 20.04
C GLU A 476 14.19 9.24 20.01
N VAL A 477 14.83 10.37 20.30
CA VAL A 477 14.18 11.70 20.37
C VAL A 477 13.60 12.04 18.99
N LEU A 478 14.44 12.27 17.99
CA LEU A 478 14.01 12.67 16.62
C LEU A 478 12.90 11.72 16.17
N THR A 479 13.16 10.41 16.24
CA THR A 479 12.18 9.33 15.92
C THR A 479 10.87 9.66 16.64
N GLY A 480 10.92 9.89 17.95
CA GLY A 480 9.73 10.13 18.79
C GLY A 480 9.00 11.41 18.43
N LEU A 481 9.72 12.49 18.20
CA LEU A 481 9.18 13.78 17.71
C LEU A 481 8.41 13.54 16.41
N ILE A 482 8.96 12.77 15.47
CA ILE A 482 8.29 12.39 14.20
C ILE A 482 7.10 11.46 14.48
N CYS A 483 7.24 10.45 15.35
CA CYS A 483 6.16 9.51 15.75
C CYS A 483 4.97 10.23 16.42
N LEU A 484 5.18 11.36 17.11
CA LEU A 484 4.12 12.12 17.85
C LEU A 484 3.55 13.24 16.96
N GLY A 485 4.38 13.96 16.20
CA GLY A 485 3.95 15.03 15.29
C GLY A 485 2.97 14.52 14.25
N THR A 486 3.27 13.38 13.62
CA THR A 486 2.35 12.79 12.60
C THR A 486 1.10 12.22 13.29
N PHE A 487 1.29 11.50 14.41
CA PHE A 487 0.16 10.92 15.18
C PHE A 487 -0.87 12.03 15.42
N LEU A 488 -0.42 13.23 15.81
CA LEU A 488 -1.28 14.44 15.93
C LEU A 488 -1.93 14.77 14.59
N ILE A 489 -1.18 14.77 13.48
CA ILE A 489 -1.72 15.08 12.11
C ILE A 489 -2.71 13.97 11.70
N GLY A 490 -2.51 12.71 12.14
CA GLY A 490 -3.43 11.59 11.87
C GLY A 490 -4.84 11.71 12.46
N PHE A 491 -5.13 12.72 13.28
CA PHE A 491 -6.47 13.02 13.84
C PHE A 491 -7.49 13.38 12.75
N ILE A 492 -7.10 14.02 11.64
CA ILE A 492 -8.02 14.32 10.48
C ILE A 492 -8.73 13.05 10.00
N PHE A 493 -8.11 11.87 10.11
CA PHE A 493 -8.71 10.59 9.67
C PHE A 493 -9.56 9.93 10.77
N THR A 494 -9.58 10.41 12.01
CA THR A 494 -10.47 9.90 13.09
C THR A 494 -11.78 10.70 13.12
N LEU A 495 -11.94 11.72 12.24
CA LEU A 495 -13.21 12.46 12.14
C LEU A 495 -14.28 11.55 11.55
N ASN A 496 -15.52 12.04 11.49
CA ASN A 496 -16.61 11.40 10.69
C ASN A 496 -16.25 11.49 9.22
N SER A 497 -15.74 12.62 8.71
CA SER A 497 -15.35 12.75 7.27
C SER A 497 -14.00 12.08 6.97
N GLY A 498 -13.30 11.58 8.00
CA GLY A 498 -11.95 10.99 7.96
C GLY A 498 -11.66 10.03 6.83
N GLN A 499 -12.65 9.26 6.36
CA GLN A 499 -12.45 8.24 5.28
C GLN A 499 -12.29 8.98 3.94
N TYR A 500 -13.06 10.00 3.65
CA TYR A 500 -12.94 10.74 2.37
C TYR A 500 -11.53 11.35 2.20
N TRP A 501 -10.98 11.90 3.30
CA TRP A 501 -9.62 12.48 3.34
C TRP A 501 -8.58 11.46 2.91
N LEU A 502 -8.58 10.30 3.57
CA LEU A 502 -7.62 9.21 3.25
C LEU A 502 -7.82 8.83 1.78
N SER A 503 -9.04 8.85 1.26
CA SER A 503 -9.31 8.54 -0.17
C SER A 503 -8.54 9.48 -1.10
N LEU A 504 -8.87 10.77 -1.09
CA LEU A 504 -8.27 11.80 -1.98
C LEU A 504 -6.77 11.96 -1.72
N LEU A 505 -6.35 11.95 -0.46
CA LEU A 505 -4.91 12.05 -0.12
C LEU A 505 -4.16 10.99 -0.93
N ASP A 506 -4.52 9.72 -0.75
CA ASP A 506 -3.86 8.60 -1.48
C ASP A 506 -3.90 8.89 -2.98
N SER A 507 -5.08 9.16 -3.52
CA SER A 507 -5.29 9.47 -4.97
C SER A 507 -4.21 10.42 -5.53
N TYR A 508 -3.74 11.40 -4.75
CA TYR A 508 -2.77 12.41 -5.24
C TYR A 508 -1.42 12.29 -4.53
N ALA A 509 -1.22 11.28 -3.68
CA ALA A 509 0.02 11.15 -2.88
C ALA A 509 0.99 10.23 -3.60
N GLY A 510 0.49 9.09 -4.12
CA GLY A 510 1.28 8.07 -4.79
C GLY A 510 1.17 8.12 -6.31
N SER A 511 0.85 9.29 -6.90
CA SER A 511 0.58 9.42 -8.34
C SER A 511 1.77 10.13 -9.01
N ILE A 512 1.56 11.31 -9.55
CA ILE A 512 2.61 12.16 -10.19
C ILE A 512 3.86 12.28 -9.31
N PRO A 513 3.77 12.60 -7.99
CA PRO A 513 4.96 12.78 -7.16
C PRO A 513 5.96 11.62 -7.32
N LEU A 514 5.49 10.37 -7.19
CA LEU A 514 6.35 9.19 -7.39
C LEU A 514 6.85 9.11 -8.83
N LEU A 515 5.94 9.26 -9.80
CA LEU A 515 6.28 9.22 -11.25
C LEU A 515 7.45 10.19 -11.50
N ILE A 516 7.27 11.45 -11.09
CA ILE A 516 8.26 12.55 -11.33
C ILE A 516 9.56 12.14 -10.62
N ILE A 517 9.49 11.95 -9.30
CA ILE A 517 10.69 11.60 -8.48
C ILE A 517 11.41 10.46 -9.20
N ALA A 518 10.71 9.37 -9.50
CA ALA A 518 11.27 8.13 -10.10
C ALA A 518 11.97 8.44 -11.43
N PHE A 519 11.35 9.27 -12.29
CA PHE A 519 11.93 9.69 -13.59
C PHE A 519 13.21 10.50 -13.35
N CYS A 520 13.20 11.46 -12.42
CA CYS A 520 14.33 12.38 -12.11
C CYS A 520 15.55 11.62 -11.56
N GLU A 521 15.33 10.54 -10.79
CA GLU A 521 16.42 9.67 -10.27
C GLU A 521 17.14 8.99 -11.45
N MET A 522 16.37 8.41 -12.36
CA MET A 522 16.86 7.74 -13.62
C MET A 522 17.63 8.77 -14.47
N PHE A 523 17.07 9.97 -14.67
CA PHE A 523 17.67 11.06 -15.47
C PHE A 523 18.97 11.60 -14.82
N SER A 524 18.93 11.92 -13.53
CA SER A 524 20.06 12.57 -12.81
C SER A 524 21.23 11.61 -12.54
N VAL A 525 21.01 10.28 -12.55
CA VAL A 525 22.09 9.25 -12.41
C VAL A 525 22.74 8.97 -13.78
N VAL A 526 22.04 9.14 -14.90
CA VAL A 526 22.51 8.73 -16.26
C VAL A 526 22.99 9.97 -17.03
N TYR A 527 22.26 11.08 -17.02
CA TYR A 527 22.54 12.28 -17.86
C TYR A 527 23.22 13.41 -17.07
N VAL A 528 23.25 13.40 -15.73
CA VAL A 528 23.91 14.47 -14.89
C VAL A 528 25.20 13.90 -14.28
N TYR A 529 25.11 12.78 -13.58
CA TYR A 529 26.24 12.00 -13.00
C TYR A 529 27.02 11.22 -14.08
N GLY A 530 26.43 10.94 -15.24
CA GLY A 530 27.03 10.15 -16.30
C GLY A 530 26.81 8.69 -16.04
N VAL A 531 26.07 8.00 -16.91
CA VAL A 531 25.96 6.50 -16.98
C VAL A 531 27.35 5.88 -17.15
N ASP A 532 28.26 6.52 -17.90
CA ASP A 532 29.63 5.99 -18.18
C ASP A 532 30.43 5.95 -16.86
N ARG A 533 30.42 7.05 -16.08
CA ARG A 533 30.95 7.08 -14.68
C ARG A 533 30.26 6.01 -13.82
N PHE A 534 28.93 5.96 -13.86
CA PHE A 534 28.07 4.98 -13.13
C PHE A 534 28.45 3.55 -13.50
N ASN A 535 28.80 3.27 -14.76
CA ASN A 535 29.26 1.92 -15.22
C ASN A 535 30.62 1.56 -14.61
N LYS A 536 31.56 2.52 -14.46
CA LYS A 536 32.94 2.28 -13.95
C LYS A 536 32.87 1.93 -12.45
N ASP A 537 32.10 2.67 -11.66
CA ASP A 537 32.00 2.45 -10.19
C ASP A 537 31.39 1.07 -9.91
N ILE A 538 30.27 0.72 -10.52
CA ILE A 538 29.64 -0.64 -10.40
C ILE A 538 30.73 -1.70 -10.65
N GLU A 539 31.47 -1.56 -11.76
CA GLU A 539 32.64 -2.42 -12.12
C GLU A 539 33.64 -2.51 -10.96
N PHE A 540 33.93 -1.38 -10.25
CA PHE A 540 34.76 -1.40 -9.01
C PHE A 540 34.10 -2.34 -7.98
N MET A 541 32.78 -2.22 -7.76
CA MET A 541 32.04 -2.93 -6.67
C MET A 541 31.78 -4.40 -6.99
N ILE A 542 31.34 -4.77 -8.20
CA ILE A 542 30.95 -6.17 -8.59
C ILE A 542 31.98 -6.85 -9.54
N GLY A 543 32.90 -6.13 -10.20
CA GLY A 543 33.93 -6.72 -11.08
C GLY A 543 33.47 -6.90 -12.53
N HIS A 544 32.42 -6.22 -13.00
CA HIS A 544 31.91 -6.31 -14.39
C HIS A 544 30.96 -5.14 -14.73
N LYS A 545 31.12 -4.52 -15.90
CA LYS A 545 30.18 -3.50 -16.43
C LYS A 545 28.85 -4.21 -16.67
N PRO A 546 27.66 -3.67 -16.22
CA PRO A 546 26.38 -4.36 -16.40
C PRO A 546 26.03 -4.75 -17.85
N ASN A 547 25.21 -5.80 -18.02
CA ASN A 547 24.68 -6.33 -19.31
C ASN A 547 24.00 -5.22 -20.11
N ILE A 548 24.01 -5.33 -21.44
CA ILE A 548 23.30 -4.39 -22.36
C ILE A 548 21.82 -4.24 -21.99
N PHE A 549 21.22 -5.23 -21.33
CA PHE A 549 19.83 -5.11 -20.80
C PHE A 549 19.74 -3.83 -20.00
N TRP A 550 20.55 -3.75 -18.96
CA TRP A 550 20.62 -2.54 -18.08
C TRP A 550 20.86 -1.29 -18.93
N GLN A 551 21.80 -1.35 -19.84
CA GLN A 551 22.19 -0.18 -20.67
C GLN A 551 20.95 0.35 -21.41
N VAL A 552 20.23 -0.52 -22.10
CA VAL A 552 19.06 -0.11 -22.93
C VAL A 552 17.93 0.35 -22.00
N THR A 553 17.69 -0.36 -20.90
CA THR A 553 16.61 0.02 -19.94
C THR A 553 16.91 1.36 -19.28
N TRP A 554 18.18 1.65 -19.00
CA TRP A 554 18.59 2.88 -18.29
C TRP A 554 18.72 4.08 -19.22
N ARG A 555 19.29 3.93 -20.42
CA ARG A 555 19.55 5.09 -21.33
C ARG A 555 18.24 5.56 -21.97
N VAL A 556 17.42 4.66 -22.53
CA VAL A 556 16.33 4.98 -23.52
C VAL A 556 14.96 4.47 -23.02
N VAL A 557 14.78 3.18 -22.68
CA VAL A 557 13.44 2.53 -22.51
C VAL A 557 12.74 3.08 -21.24
N SER A 558 13.32 2.93 -20.04
CA SER A 558 12.65 3.28 -18.75
C SER A 558 12.29 4.78 -18.69
N PRO A 559 13.20 5.74 -19.01
CA PRO A 559 12.81 7.15 -19.12
C PRO A 559 11.64 7.44 -20.08
N LEU A 560 11.64 6.79 -21.26
CA LEU A 560 10.56 6.87 -22.30
C LEU A 560 9.27 6.28 -21.74
N LEU A 561 9.33 5.12 -21.06
CA LEU A 561 8.15 4.50 -20.41
C LEU A 561 7.60 5.45 -19.34
N MET A 562 8.45 5.92 -18.43
CA MET A 562 8.09 6.88 -17.34
C MET A 562 7.52 8.19 -17.91
N LEU A 563 7.93 8.61 -19.12
CA LEU A 563 7.34 9.80 -19.81
C LEU A 563 5.91 9.47 -20.29
N ILE A 564 5.69 8.30 -20.93
CA ILE A 564 4.34 7.88 -21.44
C ILE A 564 3.33 7.78 -20.29
N ILE A 565 3.73 7.20 -19.15
CA ILE A 565 2.88 7.06 -17.94
C ILE A 565 2.65 8.45 -17.30
N PHE A 566 3.64 9.35 -17.33
CA PHE A 566 3.52 10.75 -16.86
C PHE A 566 2.47 11.52 -17.69
N LEU A 567 2.41 11.37 -19.02
CA LEU A 567 1.32 12.02 -19.80
C LEU A 567 -0.02 11.38 -19.46
N PHE A 568 -0.13 10.06 -19.60
CA PHE A 568 -1.35 9.27 -19.26
C PHE A 568 -2.01 9.80 -17.98
N PHE A 569 -1.24 10.22 -16.97
CA PHE A 569 -1.76 10.92 -15.76
C PHE A 569 -2.68 12.08 -16.15
N PHE A 570 -2.21 13.00 -17.00
CA PHE A 570 -2.96 14.23 -17.41
C PHE A 570 -4.09 13.87 -18.39
N VAL A 571 -3.91 12.83 -19.23
CA VAL A 571 -4.94 12.30 -20.18
C VAL A 571 -6.17 11.79 -19.42
N VAL A 572 -5.99 11.11 -18.27
CA VAL A 572 -7.11 10.56 -17.44
C VAL A 572 -7.66 11.64 -16.50
N GLU A 573 -6.90 12.68 -16.12
CA GLU A 573 -7.34 13.76 -15.20
C GLU A 573 -8.34 14.72 -15.89
N VAL A 574 -8.13 15.08 -17.16
CA VAL A 574 -8.91 16.12 -17.90
C VAL A 574 -10.34 15.62 -18.08
N SER A 575 -10.52 14.47 -18.73
CA SER A 575 -11.83 13.87 -19.12
C SER A 575 -12.70 13.58 -17.89
N GLN A 576 -12.16 12.86 -16.90
CA GLN A 576 -12.82 12.59 -15.58
C GLN A 576 -13.04 13.92 -14.83
N GLU A 577 -14.15 14.02 -14.10
CA GLU A 577 -14.53 15.17 -13.22
C GLU A 577 -14.21 14.82 -11.76
N LEU A 578 -13.69 15.78 -10.99
CA LEU A 578 -13.31 15.61 -9.55
C LEU A 578 -14.59 15.26 -8.78
N THR A 579 -14.72 13.99 -8.38
CA THR A 579 -15.90 13.39 -7.68
C THR A 579 -15.40 12.36 -6.65
N TYR A 580 -16.33 11.80 -5.89
CA TYR A 580 -16.07 10.74 -4.88
C TYR A 580 -17.37 10.12 -4.40
N SER A 581 -17.25 8.90 -3.87
CA SER A 581 -18.38 8.08 -3.40
C SER A 581 -18.71 8.50 -1.97
N ILE A 582 -20.01 8.66 -1.66
CA ILE A 582 -20.51 8.92 -0.28
C ILE A 582 -21.45 7.79 0.09
N TRP A 583 -21.59 7.55 1.38
CA TRP A 583 -22.45 6.53 2.00
C TRP A 583 -23.60 7.23 2.70
N ASP A 584 -24.53 7.80 1.92
CA ASP A 584 -25.72 8.47 2.50
C ASP A 584 -26.85 7.45 2.59
N PRO A 585 -27.29 7.04 3.81
CA PRO A 585 -28.43 6.13 3.97
C PRO A 585 -29.74 6.78 3.52
N GLY A 586 -29.96 8.05 3.91
CA GLY A 586 -31.17 8.77 3.49
C GLY A 586 -31.25 8.84 1.97
N TYR A 587 -30.16 8.56 1.28
CA TYR A 587 -30.15 8.56 -0.20
C TYR A 587 -31.19 7.56 -0.72
N GLU A 588 -31.95 7.95 -1.75
CA GLU A 588 -32.98 7.04 -2.33
C GLU A 588 -32.39 5.64 -2.46
N GLU A 589 -31.32 5.50 -3.26
CA GLU A 589 -30.68 4.17 -3.47
C GLU A 589 -29.51 4.03 -2.49
N PHE A 590 -29.80 4.14 -1.18
CA PHE A 590 -28.73 4.07 -0.15
C PHE A 590 -27.74 2.94 -0.47
N PRO A 591 -28.18 1.70 -0.76
CA PRO A 591 -27.25 0.63 -1.14
C PRO A 591 -26.48 1.02 -2.41
N LYS A 592 -27.16 1.61 -3.39
CA LYS A 592 -26.51 2.02 -4.66
C LYS A 592 -25.50 3.13 -4.38
N SER A 593 -24.41 3.19 -5.15
CA SER A 593 -23.35 4.20 -4.93
C SER A 593 -23.88 5.63 -5.17
N GLN A 594 -23.18 6.63 -4.66
CA GLN A 594 -23.58 8.05 -4.86
C GLN A 594 -22.32 8.88 -5.12
N LYS A 595 -22.02 9.16 -6.40
CA LYS A 595 -20.77 9.90 -6.75
C LYS A 595 -21.06 11.40 -6.80
N ILE A 596 -20.75 12.13 -5.73
CA ILE A 596 -20.95 13.61 -5.66
C ILE A 596 -19.61 14.27 -5.98
N SER A 597 -19.62 15.50 -6.47
CA SER A 597 -18.38 16.28 -6.74
C SER A 597 -17.89 16.85 -5.40
N TYR A 598 -16.58 16.77 -5.15
CA TYR A 598 -15.86 17.49 -4.05
C TYR A 598 -16.22 18.98 -4.09
N PRO A 599 -16.25 19.70 -2.93
CA PRO A 599 -16.33 21.16 -2.88
C PRO A 599 -15.16 21.82 -3.64
N ASN A 600 -15.29 23.13 -3.92
CA ASN A 600 -14.34 23.93 -4.72
C ASN A 600 -13.09 24.28 -3.91
N TRP A 601 -13.14 24.27 -2.57
CA TRP A 601 -11.98 24.41 -1.65
C TRP A 601 -10.99 23.24 -1.78
N VAL A 602 -11.41 22.03 -2.19
CA VAL A 602 -10.60 20.76 -2.23
C VAL A 602 -9.37 20.92 -3.15
N TYR A 603 -9.44 21.74 -4.20
CA TYR A 603 -8.33 22.03 -5.15
C TYR A 603 -7.13 22.69 -4.40
N VAL A 604 -7.38 23.39 -3.28
CA VAL A 604 -6.32 23.85 -2.31
C VAL A 604 -5.64 22.60 -1.70
N VAL A 605 -6.39 21.56 -1.32
CA VAL A 605 -5.85 20.30 -0.73
C VAL A 605 -5.14 19.50 -1.82
N VAL A 606 -5.63 19.47 -3.06
CA VAL A 606 -5.06 18.67 -4.19
C VAL A 606 -3.74 19.31 -4.64
N VAL A 607 -3.74 20.62 -4.92
CA VAL A 607 -2.55 21.40 -5.40
C VAL A 607 -1.34 21.26 -4.45
N ILE A 608 -1.55 21.01 -3.15
CA ILE A 608 -0.47 20.85 -2.15
C ILE A 608 -0.02 19.37 -2.09
N VAL A 609 -0.95 18.45 -1.92
CA VAL A 609 -0.62 16.99 -1.78
C VAL A 609 0.20 16.50 -2.99
N ALA A 610 -0.12 16.98 -4.18
CA ALA A 610 0.59 16.54 -5.42
C ALA A 610 1.58 17.61 -5.89
N GLY A 611 1.17 18.87 -5.99
CA GLY A 611 2.03 19.94 -6.52
C GLY A 611 3.24 20.23 -5.65
N VAL A 612 3.05 20.40 -4.34
CA VAL A 612 4.17 20.80 -3.44
C VAL A 612 5.35 19.83 -3.64
N PRO A 613 5.20 18.51 -3.39
CA PRO A 613 6.32 17.58 -3.59
C PRO A 613 6.92 17.58 -5.01
N SER A 614 6.06 17.65 -6.02
CA SER A 614 6.47 17.59 -7.43
C SER A 614 7.20 18.88 -7.86
N LEU A 615 6.93 19.99 -7.18
CA LEU A 615 7.54 21.30 -7.57
C LEU A 615 8.78 21.61 -6.76
N THR A 616 9.04 20.89 -5.68
CA THR A 616 10.29 21.05 -4.89
C THR A 616 11.51 20.73 -5.76
N ILE A 617 11.34 19.92 -6.81
CA ILE A 617 12.43 19.49 -7.72
C ILE A 617 12.79 20.66 -8.64
N PRO A 618 11.87 21.28 -9.42
CA PRO A 618 12.17 22.53 -10.12
C PRO A 618 12.43 23.68 -9.14
N GLY A 619 11.57 23.90 -8.15
CA GLY A 619 11.62 25.00 -7.16
C GLY A 619 12.98 25.22 -6.50
N TYR A 620 13.59 24.17 -5.92
CA TYR A 620 14.95 24.25 -5.31
C TYR A 620 16.00 24.48 -6.41
N ALA A 621 15.92 23.77 -7.53
CA ALA A 621 16.84 23.90 -8.69
C ALA A 621 16.93 25.38 -9.11
N ILE A 622 15.80 26.09 -9.25
CA ILE A 622 15.72 27.54 -9.60
C ILE A 622 16.37 28.35 -8.47
N TYR A 623 15.96 28.14 -7.21
CA TYR A 623 16.49 28.82 -5.99
C TYR A 623 18.02 28.75 -5.95
N LYS A 624 18.61 27.59 -6.29
CA LYS A 624 20.09 27.36 -6.23
C LYS A 624 20.77 28.07 -7.41
N LEU A 625 20.14 28.17 -8.59
CA LEU A 625 20.70 28.93 -9.75
C LEU A 625 20.64 30.45 -9.53
N ILE A 626 19.84 30.99 -8.60
CA ILE A 626 19.76 32.45 -8.25
C ILE A 626 20.41 32.76 -6.88
N ARG A 627 21.00 31.79 -6.16
CA ARG A 627 21.78 32.00 -4.91
C ARG A 627 23.28 31.97 -5.25
N VAL B 740 -18.60 -5.18 28.75
CA VAL B 740 -17.15 -5.48 28.49
C VAL B 740 -16.96 -5.70 26.98
N SER B 741 -16.21 -4.83 26.31
CA SER B 741 -15.88 -4.94 24.86
C SER B 741 -14.62 -5.80 24.71
N ILE B 742 -14.71 -6.87 23.94
CA ILE B 742 -13.54 -7.79 23.75
C ILE B 742 -12.42 -6.98 23.08
N TRP B 743 -12.74 -6.11 22.11
CA TRP B 743 -11.69 -5.26 21.48
C TRP B 743 -10.93 -4.46 22.57
N LEU B 744 -11.63 -3.90 23.54
CA LEU B 744 -10.98 -3.10 24.62
C LEU B 744 -10.01 -3.97 25.43
N ILE B 745 -10.40 -5.17 25.80
CA ILE B 745 -9.52 -6.12 26.55
C ILE B 745 -8.30 -6.40 25.67
N VAL B 746 -8.54 -6.72 24.39
CA VAL B 746 -7.45 -7.08 23.45
C VAL B 746 -6.51 -5.86 23.33
N PHE B 747 -7.08 -4.68 23.09
CA PHE B 747 -6.33 -3.40 23.00
C PHE B 747 -5.50 -3.23 24.29
N GLY B 748 -6.17 -3.31 25.46
CA GLY B 748 -5.55 -3.10 26.78
C GLY B 748 -4.26 -3.89 26.89
N VAL B 749 -4.34 -5.19 26.63
CA VAL B 749 -3.18 -6.14 26.60
C VAL B 749 -2.10 -5.61 25.65
N VAL B 750 -2.46 -5.37 24.40
CA VAL B 750 -1.51 -5.00 23.29
C VAL B 750 -0.85 -3.66 23.66
N MET B 751 -1.64 -2.62 23.99
CA MET B 751 -1.15 -1.26 24.33
C MET B 751 -0.22 -1.33 25.54
N GLY B 752 -0.57 -2.13 26.55
CA GLY B 752 0.25 -2.43 27.74
C GLY B 752 1.59 -3.04 27.36
N VAL B 753 1.56 -4.14 26.62
CA VAL B 753 2.76 -4.87 26.09
C VAL B 753 3.67 -3.89 25.32
N ILE B 754 3.13 -3.03 24.46
CA ILE B 754 3.91 -2.04 23.65
C ILE B 754 4.66 -1.11 24.62
N VAL B 755 3.95 -0.43 25.52
CA VAL B 755 4.52 0.51 26.55
C VAL B 755 5.73 -0.18 27.22
N VAL B 756 5.54 -1.41 27.72
CA VAL B 756 6.58 -2.24 28.41
C VAL B 756 7.85 -2.26 27.54
N GLY B 757 7.74 -2.74 26.30
CA GLY B 757 8.78 -2.72 25.26
C GLY B 757 9.44 -1.35 25.16
N ILE B 758 8.61 -0.31 25.00
CA ILE B 758 9.04 1.11 24.74
C ILE B 758 9.98 1.49 25.89
N VAL B 759 9.50 1.42 27.13
CA VAL B 759 10.31 1.82 28.32
C VAL B 759 11.57 0.95 28.37
N ILE B 760 11.42 -0.36 28.14
CA ILE B 760 12.57 -1.32 28.15
C ILE B 760 13.62 -0.82 27.14
N LEU B 761 13.20 -0.46 25.94
CA LEU B 761 14.14 -0.01 24.87
C LEU B 761 14.83 1.28 25.29
N ILE B 762 14.09 2.25 25.82
CA ILE B 762 14.66 3.55 26.30
C ILE B 762 15.82 3.27 27.28
N PHE B 763 15.55 2.50 28.34
CA PHE B 763 16.56 2.21 29.39
C PHE B 763 17.72 1.41 28.78
N THR B 764 17.41 0.45 27.91
CA THR B 764 18.45 -0.39 27.26
C THR B 764 19.45 0.52 26.52
N GLY B 765 18.94 1.49 25.77
CA GLY B 765 19.78 2.50 25.08
C GLY B 765 20.53 3.35 26.08
N ILE B 766 19.85 3.81 27.12
CA ILE B 766 20.48 4.63 28.21
C ILE B 766 21.59 3.77 28.83
N ARG B 767 21.30 2.49 29.07
CA ARG B 767 22.29 1.53 29.63
C ARG B 767 23.53 1.49 28.72
N ASP B 768 23.32 1.50 27.41
CA ASP B 768 24.44 1.54 26.43
C ASP B 768 25.28 2.81 26.68
N ARG B 769 26.50 2.64 27.20
CA ARG B 769 27.41 3.74 27.60
C ARG B 769 28.85 3.32 27.30
#